data_7XRZ
#
_entry.id   7XRZ
#
_cell.length_a   93.828
_cell.length_b   75.239
_cell.length_c   152.231
_cell.angle_alpha   90.000
_cell.angle_beta   99.670
_cell.angle_gamma   90.000
#
_symmetry.space_group_name_H-M   'C 1 2 1'
#
loop_
_entity.id
_entity.type
_entity.pdbx_description
1 polymer 'IGG LIGHT CHAIN'
2 polymer 'IGG HEAVY CHAIN'
3 polymer 'Soluble cytochrome b562'
4 water water
#
loop_
_entity_poly.entity_id
_entity_poly.type
_entity_poly.pdbx_seq_one_letter_code
_entity_poly.pdbx_strand_id
1 'polypeptide(L)'
;DIVLTQSPATLSVTPGDRVSLSCRASQSVSNYLHWYQQKSHESPRLLIKYASQSISGIPSRFSGSGSGTDFTLSINSVET
EDFGMYFCQQSNSWPLTFGAGTKLELRRADAAPTVSIFPPSSEQLTSGGASVVCFLNNFYPKDINVKWKIDGSERQNGVL
NSWTDQDSKDSTYSMSSTLTLTKDEYERHNSYTCEATHKTSTSPIVKSFNRNEC
;
L,A
2 'polypeptide(L)'
;QIQLQQSGPELVKPGASVKISCKASGYTFTDFYINWMKQRPGQGLEWIGWIFPGSGNTHYNEKFKGKATLIVDTSSSTAF
MQLNSLTSEDSAVYFCTRPVSYYYDFDYWGQGTTLTVSSAKTTAPSVYPLAPVCGDTSGSSVTLGCLVKGYFPEPVTLTW
NSGSLSSGVHTFPAVLQSDLYTLSSSVTVTSSTWPSQSITCNVAHPASSTKVDKKIEPRGP
;
H,B
3 'polypeptide(L)'
;GDLEDNWETLNDNLKVIEKADNAAQVKDALTKMRAAALDAQKATPPKLEDKSPDSPEMKDFRHGFDILVGQIDDALKLAN
EGKVKEAQAAAEQLKTTRNAYIQKYL
;
X,Y
#
# COMPACT_ATOMS: atom_id res chain seq x y z
N ASP A 1 -0.91 -3.52 30.54
CA ASP A 1 -1.60 -2.23 30.25
C ASP A 1 -2.95 -2.53 29.58
N ILE A 2 -3.99 -1.82 30.00
CA ILE A 2 -5.39 -2.03 29.53
C ILE A 2 -5.52 -1.44 28.12
N VAL A 3 -6.01 -2.23 27.17
CA VAL A 3 -6.24 -1.84 25.75
C VAL A 3 -7.71 -1.46 25.61
N LEU A 4 -7.99 -0.29 25.04
CA LEU A 4 -9.36 0.18 24.70
C LEU A 4 -9.54 0.12 23.17
N THR A 5 -10.50 -0.68 22.72
CA THR A 5 -10.81 -0.93 21.29
C THR A 5 -12.07 -0.14 20.92
N GLN A 6 -11.95 0.82 20.00
CA GLN A 6 -13.10 1.61 19.50
C GLN A 6 -13.48 1.13 18.10
N SER A 7 -14.71 0.62 17.99
CA SER A 7 -15.34 0.09 16.75
C SER A 7 -16.59 0.90 16.38
N PRO A 8 -16.92 1.00 15.08
CA PRO A 8 -15.92 0.91 14.02
C PRO A 8 -15.02 2.16 14.12
N ALA A 9 -13.90 2.17 13.39
CA ALA A 9 -12.92 3.28 13.32
C ALA A 9 -13.61 4.53 12.75
N THR A 10 -14.55 4.35 11.82
CA THR A 10 -15.32 5.43 11.17
C THR A 10 -16.80 5.10 11.19
N LEU A 11 -17.61 6.10 11.48
CA LEU A 11 -19.08 6.01 11.58
C LEU A 11 -19.67 7.09 10.67
N SER A 12 -20.37 6.69 9.61
CA SER A 12 -21.03 7.61 8.65
C SER A 12 -22.51 7.73 9.05
N VAL A 13 -23.01 8.96 9.22
CA VAL A 13 -24.41 9.25 9.64
C VAL A 13 -24.90 10.50 8.92
N THR A 14 -26.23 10.68 8.84
CA THR A 14 -26.91 11.92 8.39
C THR A 14 -27.36 12.69 9.63
N PRO A 15 -27.32 14.04 9.65
CA PRO A 15 -27.89 14.80 10.74
C PRO A 15 -29.34 14.33 11.01
N GLY A 16 -29.70 14.18 12.28
CA GLY A 16 -31.04 13.76 12.73
C GLY A 16 -31.11 12.29 13.13
N ASP A 17 -30.16 11.47 12.66
CA ASP A 17 -30.13 10.02 12.93
C ASP A 17 -29.53 9.74 14.31
N ARG A 18 -29.93 8.63 14.92
CA ARG A 18 -29.35 8.03 16.14
C ARG A 18 -27.93 7.55 15.80
N VAL A 19 -27.01 7.50 16.77
CA VAL A 19 -25.72 6.77 16.57
C VAL A 19 -25.18 6.29 17.91
N SER A 20 -24.47 5.18 17.87
CA SER A 20 -23.83 4.49 19.03
C SER A 20 -22.36 4.24 18.70
N LEU A 21 -21.46 4.70 19.57
CA LEU A 21 -20.01 4.46 19.44
C LEU A 21 -19.61 3.45 20.52
N SER A 22 -18.88 2.41 20.13
CA SER A 22 -18.48 1.28 20.99
C SER A 22 -17.07 1.53 21.53
N CYS A 23 -16.85 1.28 22.83
CA CYS A 23 -15.52 1.20 23.47
C CYS A 23 -15.48 -0.06 24.34
N ARG A 24 -14.59 -1.01 24.02
CA ARG A 24 -14.42 -2.31 24.73
CA ARG A 24 -14.42 -2.31 24.73
C ARG A 24 -13.03 -2.34 25.39
N ALA A 25 -13.00 -2.57 26.71
CA ALA A 25 -11.76 -2.72 27.49
C ALA A 25 -11.32 -4.19 27.45
N SER A 26 -10.01 -4.42 27.41
CA SER A 26 -9.36 -5.75 27.36
C SER A 26 -9.36 -6.38 28.77
N GLN A 27 -9.71 -5.60 29.79
CA GLN A 27 -10.04 -6.14 31.14
C GLN A 27 -10.95 -5.14 31.84
N SER A 28 -11.48 -5.53 33.00
CA SER A 28 -12.52 -4.79 33.73
C SER A 28 -11.96 -3.42 34.13
N VAL A 29 -12.73 -2.37 33.84
CA VAL A 29 -12.36 -0.98 34.27
C VAL A 29 -13.54 -0.43 35.09
N SER A 30 -14.47 -1.29 35.49
CA SER A 30 -15.66 -0.86 36.26
C SER A 30 -16.36 0.26 35.47
N ASN A 31 -16.63 1.38 36.11
CA ASN A 31 -17.25 2.54 35.43
C ASN A 31 -16.21 3.65 35.26
N TYR A 32 -14.92 3.32 35.40
CA TYR A 32 -13.80 4.30 35.33
C TYR A 32 -13.46 4.56 33.85
N LEU A 33 -14.44 5.02 33.07
CA LEU A 33 -14.29 5.22 31.60
C LEU A 33 -14.98 6.51 31.14
N HIS A 34 -14.21 7.37 30.49
CA HIS A 34 -14.62 8.76 30.12
C HIS A 34 -14.56 8.92 28.60
N TRP A 35 -15.42 9.78 28.08
CA TRP A 35 -15.63 10.03 26.63
C TRP A 35 -15.25 11.47 26.31
N TYR A 36 -14.45 11.65 25.26
CA TYR A 36 -14.01 12.97 24.79
C TYR A 36 -14.36 13.12 23.31
N GLN A 37 -14.69 14.36 22.93
CA GLN A 37 -14.80 14.84 21.54
C GLN A 37 -13.58 15.70 21.23
N GLN A 38 -13.00 15.57 20.03
CA GLN A 38 -11.91 16.43 19.52
C GLN A 38 -12.20 16.74 18.05
N LYS A 39 -12.44 18.00 17.74
CA LYS A 39 -12.73 18.44 16.34
C LYS A 39 -11.47 18.38 15.46
N SER A 40 -10.37 18.95 15.96
CA SER A 40 -9.10 19.00 15.19
C SER A 40 -7.95 18.52 16.09
N HIS A 41 -6.95 19.37 16.30
CA HIS A 41 -5.83 19.02 17.19
C HIS A 41 -5.98 19.80 18.50
N GLU A 42 -7.11 20.49 18.66
CA GLU A 42 -7.38 21.29 19.88
CA GLU A 42 -7.38 21.29 19.89
C GLU A 42 -7.63 20.34 21.06
N SER A 43 -7.58 20.84 22.29
CA SER A 43 -7.68 20.03 23.53
C SER A 43 -8.98 19.23 23.49
N PRO A 44 -8.98 17.93 23.90
CA PRO A 44 -10.20 17.14 23.98
C PRO A 44 -11.25 17.72 24.94
N ARG A 45 -12.52 17.50 24.59
CA ARG A 45 -13.71 17.99 25.32
C ARG A 45 -14.40 16.80 26.01
N LEU A 46 -14.38 16.78 27.35
CA LEU A 46 -15.05 15.73 28.17
C LEU A 46 -16.57 15.81 27.91
N LEU A 47 -17.17 14.71 27.46
CA LEU A 47 -18.64 14.60 27.21
C LEU A 47 -19.30 13.86 28.37
N ILE A 48 -18.77 12.68 28.71
CA ILE A 48 -19.32 11.74 29.73
C ILE A 48 -18.17 11.32 30.64
N LYS A 49 -18.39 11.34 31.96
CA LYS A 49 -17.43 10.78 32.95
C LYS A 49 -18.09 9.60 33.68
N TYR A 50 -17.25 8.68 34.15
CA TYR A 50 -17.69 7.50 34.93
C TYR A 50 -18.78 6.73 34.17
N ALA A 51 -18.57 6.57 32.86
CA ALA A 51 -19.40 5.78 31.91
C ALA A 51 -20.75 6.42 31.55
N SER A 52 -21.57 6.83 32.53
CA SER A 52 -22.92 7.35 32.19
C SER A 52 -23.27 8.68 32.87
N GLN A 53 -22.29 9.41 33.42
CA GLN A 53 -22.55 10.68 34.14
C GLN A 53 -22.32 11.82 33.15
N SER A 54 -23.36 12.56 32.74
CA SER A 54 -23.17 13.65 31.75
C SER A 54 -22.53 14.85 32.45
N ILE A 55 -21.76 15.63 31.70
CA ILE A 55 -20.99 16.82 32.18
C ILE A 55 -21.88 18.06 32.09
N SER A 56 -21.83 18.94 33.09
CA SER A 56 -22.56 20.24 33.08
C SER A 56 -22.39 20.91 31.71
N GLY A 57 -23.49 21.25 31.05
CA GLY A 57 -23.50 22.01 29.78
C GLY A 57 -23.53 21.14 28.53
N ILE A 58 -23.19 19.86 28.62
CA ILE A 58 -23.21 18.95 27.43
C ILE A 58 -24.66 18.72 27.02
N PRO A 59 -25.02 18.97 25.74
CA PRO A 59 -26.42 18.90 25.30
C PRO A 59 -27.03 17.50 25.49
N SER A 60 -28.36 17.45 25.66
CA SER A 60 -29.16 16.28 26.10
C SER A 60 -28.99 15.09 25.15
N ARG A 61 -28.65 15.34 23.88
CA ARG A 61 -28.54 14.27 22.85
C ARG A 61 -27.40 13.30 23.20
N PHE A 62 -26.42 13.68 24.04
CA PHE A 62 -25.30 12.81 24.47
C PHE A 62 -25.71 12.02 25.72
N SER A 63 -25.44 10.72 25.72
CA SER A 63 -25.50 9.85 26.92
C SER A 63 -24.51 8.71 26.74
N GLY A 64 -23.98 8.21 27.86
CA GLY A 64 -23.10 7.04 27.91
C GLY A 64 -23.73 5.95 28.76
N SER A 65 -23.44 4.69 28.46
CA SER A 65 -23.89 3.53 29.28
C SER A 65 -22.83 2.43 29.22
N GLY A 66 -22.90 1.49 30.16
CA GLY A 66 -21.97 0.36 30.29
C GLY A 66 -21.20 0.42 31.59
N SER A 67 -20.67 -0.73 32.01
CA SER A 67 -19.77 -0.90 33.19
C SER A 67 -19.09 -2.28 33.07
N GLY A 68 -17.81 -2.35 33.47
CA GLY A 68 -16.97 -3.55 33.28
C GLY A 68 -16.06 -3.41 32.07
N THR A 69 -16.49 -3.90 30.90
CA THR A 69 -15.68 -3.98 29.66
C THR A 69 -16.39 -3.31 28.46
N ASP A 70 -17.73 -3.36 28.36
CA ASP A 70 -18.48 -2.91 27.16
C ASP A 70 -19.19 -1.57 27.42
N PHE A 71 -18.77 -0.51 26.74
CA PHE A 71 -19.31 0.87 26.91
C PHE A 71 -19.85 1.39 25.58
N THR A 72 -20.81 2.31 25.65
CA THR A 72 -21.48 2.92 24.46
C THR A 72 -21.70 4.41 24.74
N LEU A 73 -21.24 5.26 23.82
CA LEU A 73 -21.61 6.69 23.77
C LEU A 73 -22.71 6.82 22.71
N SER A 74 -23.85 7.40 23.08
CA SER A 74 -25.02 7.54 22.20
C SER A 74 -25.26 9.03 21.92
N ILE A 75 -25.52 9.35 20.65
CA ILE A 75 -25.99 10.69 20.19
C ILE A 75 -27.40 10.49 19.62
N ASN A 76 -28.39 11.07 20.29
CA ASN A 76 -29.85 10.90 20.06
C ASN A 76 -30.26 11.40 18.66
N SER A 77 -29.68 12.51 18.22
CA SER A 77 -30.04 13.22 16.97
C SER A 77 -28.84 14.04 16.52
N VAL A 78 -27.98 13.45 15.69
CA VAL A 78 -26.62 13.97 15.35
C VAL A 78 -26.77 15.40 14.81
N GLU A 79 -25.89 16.29 15.26
CA GLU A 79 -25.74 17.68 14.74
C GLU A 79 -24.47 17.76 13.89
N THR A 80 -24.44 18.70 12.94
CA THR A 80 -23.27 18.99 12.07
C THR A 80 -22.04 19.20 12.95
N GLU A 81 -22.20 19.89 14.09
CA GLU A 81 -21.11 20.21 15.05
C GLU A 81 -20.62 18.96 15.80
N ASP A 82 -21.26 17.80 15.60
CA ASP A 82 -20.87 16.51 16.24
C ASP A 82 -19.83 15.76 15.38
N PHE A 83 -19.70 16.10 14.10
CA PHE A 83 -18.71 15.46 13.19
C PHE A 83 -17.31 15.79 13.73
N GLY A 84 -16.48 14.75 13.87
CA GLY A 84 -15.11 14.83 14.41
C GLY A 84 -14.75 13.56 15.15
N MET A 85 -13.71 13.60 15.98
CA MET A 85 -13.14 12.40 16.62
C MET A 85 -13.74 12.22 18.03
N TYR A 86 -13.93 10.96 18.43
CA TYR A 86 -14.40 10.55 19.78
C TYR A 86 -13.40 9.54 20.35
N PHE A 87 -12.95 9.79 21.59
CA PHE A 87 -11.98 8.95 22.35
C PHE A 87 -12.60 8.53 23.69
N CYS A 88 -12.39 7.26 24.06
CA CYS A 88 -12.65 6.76 25.44
C CYS A 88 -11.31 6.66 26.18
N GLN A 89 -11.35 6.84 27.50
CA GLN A 89 -10.19 6.80 28.41
C GLN A 89 -10.62 6.07 29.69
N GLN A 90 -9.78 5.16 30.19
CA GLN A 90 -9.98 4.42 31.47
C GLN A 90 -9.05 5.02 32.52
N SER A 91 -9.54 5.17 33.75
CA SER A 91 -8.76 5.62 34.94
C SER A 91 -8.85 4.54 36.02
N ASN A 92 -9.00 3.29 35.58
CA ASN A 92 -9.11 2.11 36.47
C ASN A 92 -7.76 1.82 37.12
N SER A 93 -6.69 1.79 36.32
CA SER A 93 -5.31 1.46 36.76
C SER A 93 -4.26 2.09 35.84
N TRP A 94 -3.07 2.33 36.37
CA TRP A 94 -1.90 2.86 35.62
C TRP A 94 -1.42 1.78 34.65
N PRO A 95 -0.93 2.13 33.45
CA PRO A 95 -0.97 3.51 32.96
C PRO A 95 -2.39 3.90 32.50
N LEU A 96 -2.75 5.20 32.59
CA LEU A 96 -3.97 5.70 31.93
C LEU A 96 -3.85 5.38 30.43
N THR A 97 -4.90 4.87 29.81
CA THR A 97 -4.90 4.51 28.36
C THR A 97 -6.18 5.03 27.71
N PHE A 98 -6.07 5.30 26.39
CA PHE A 98 -7.16 5.80 25.54
C PHE A 98 -7.39 4.82 24.40
N GLY A 99 -8.62 4.78 23.88
CA GLY A 99 -8.92 4.22 22.54
C GLY A 99 -8.21 5.01 21.45
N ALA A 100 -8.10 4.42 20.27
CA ALA A 100 -7.44 4.99 19.08
C ALA A 100 -8.40 5.94 18.35
N GLY A 101 -9.68 5.92 18.73
CA GLY A 101 -10.68 6.91 18.29
C GLY A 101 -11.68 6.35 17.30
N THR A 102 -12.90 6.90 17.32
CA THR A 102 -13.91 6.75 16.24
C THR A 102 -14.16 8.13 15.60
N LYS A 103 -14.07 8.19 14.26
CA LYS A 103 -14.39 9.39 13.44
C LYS A 103 -15.86 9.31 13.03
N LEU A 104 -16.62 10.34 13.39
CA LEU A 104 -18.03 10.54 13.00
C LEU A 104 -18.02 11.49 11.81
N GLU A 105 -18.54 11.06 10.66
CA GLU A 105 -18.45 11.80 9.39
C GLU A 105 -19.82 11.82 8.71
N LEU A 106 -20.03 12.77 7.79
CA LEU A 106 -21.31 12.93 7.06
C LEU A 106 -21.42 11.81 6.03
N ARG A 107 -22.56 11.11 6.01
CA ARG A 107 -22.79 9.98 5.06
C ARG A 107 -23.22 10.54 3.71
N ARG A 108 -22.92 9.81 2.64
CA ARG A 108 -23.35 10.13 1.25
C ARG A 108 -23.22 8.87 0.39
N ALA A 109 -23.61 8.94 -0.88
CA ALA A 109 -23.57 7.81 -1.84
C ALA A 109 -22.11 7.48 -2.20
N ASP A 110 -21.78 6.18 -2.26
CA ASP A 110 -20.48 5.68 -2.78
C ASP A 110 -20.23 6.34 -4.14
N ALA A 111 -19.00 6.81 -4.39
CA ALA A 111 -18.58 7.40 -5.70
C ALA A 111 -17.17 6.94 -6.06
N ALA A 112 -16.98 6.50 -7.31
CA ALA A 112 -15.65 6.15 -7.89
C ALA A 112 -14.82 7.42 -8.01
N PRO A 113 -13.48 7.37 -7.84
CA PRO A 113 -12.62 8.52 -8.08
C PRO A 113 -12.41 8.88 -9.55
N THR A 114 -12.21 10.16 -9.84
CA THR A 114 -11.62 10.70 -11.08
C THR A 114 -10.10 10.68 -10.95
N VAL A 115 -9.41 9.97 -11.85
CA VAL A 115 -7.92 9.78 -11.81
C VAL A 115 -7.28 10.62 -12.92
N SER A 116 -6.25 11.39 -12.57
CA SER A 116 -5.43 12.26 -13.46
C SER A 116 -3.96 11.96 -13.15
N ILE A 117 -3.14 11.73 -14.18
CA ILE A 117 -1.67 11.52 -13.99
C ILE A 117 -0.93 12.70 -14.64
N PHE A 118 0.19 13.11 -14.03
CA PHE A 118 1.00 14.27 -14.46
C PHE A 118 2.47 13.88 -14.49
N PRO A 119 3.10 13.89 -15.69
CA PRO A 119 4.55 13.77 -15.80
C PRO A 119 5.24 14.89 -15.04
N PRO A 120 6.54 14.74 -14.70
CA PRO A 120 7.29 15.82 -14.08
C PRO A 120 7.21 17.07 -14.97
N SER A 121 7.10 18.24 -14.35
CA SER A 121 7.14 19.55 -15.07
C SER A 121 8.51 19.68 -15.74
N SER A 122 8.59 20.43 -16.84
CA SER A 122 9.86 20.75 -17.52
C SER A 122 10.73 21.57 -16.57
N GLU A 123 10.12 22.44 -15.76
CA GLU A 123 10.83 23.29 -14.77
CA GLU A 123 10.82 23.30 -14.76
C GLU A 123 11.57 22.39 -13.76
N GLN A 124 10.89 21.37 -13.23
CA GLN A 124 11.50 20.45 -12.23
C GLN A 124 12.63 19.64 -12.88
N LEU A 125 12.41 19.11 -14.08
CA LEU A 125 13.41 18.29 -14.81
C LEU A 125 14.72 19.10 -14.96
N THR A 126 14.60 20.39 -15.27
CA THR A 126 15.75 21.35 -15.43
C THR A 126 16.56 21.40 -14.13
N SER A 127 15.91 21.27 -12.97
CA SER A 127 16.53 21.38 -11.62
C SER A 127 17.07 20.00 -11.16
N GLY A 128 16.83 18.93 -11.92
CA GLY A 128 17.44 17.61 -11.68
C GLY A 128 16.50 16.62 -11.00
N GLY A 129 15.26 17.01 -10.75
CA GLY A 129 14.27 16.17 -10.05
C GLY A 129 13.16 15.72 -10.98
N ALA A 130 12.41 14.71 -10.58
CA ALA A 130 11.26 14.15 -11.34
C ALA A 130 10.24 13.59 -10.35
N SER A 131 9.13 14.30 -10.18
CA SER A 131 7.95 13.84 -9.41
C SER A 131 6.86 13.46 -10.43
N VAL A 132 6.31 12.26 -10.27
CA VAL A 132 5.09 11.85 -11.02
C VAL A 132 3.93 11.95 -10.03
N VAL A 133 2.89 12.69 -10.40
CA VAL A 133 1.75 13.00 -9.50
C VAL A 133 0.50 12.31 -10.08
N CYS A 134 -0.26 11.67 -9.20
CA CYS A 134 -1.58 11.07 -9.49
C CYS A 134 -2.61 11.66 -8.50
N PHE A 135 -3.66 12.30 -9.02
CA PHE A 135 -4.82 12.78 -8.21
C PHE A 135 -5.98 11.78 -8.37
N LEU A 136 -6.52 11.34 -7.24
CA LEU A 136 -7.76 10.51 -7.13
C LEU A 136 -8.84 11.38 -6.48
N ASN A 137 -9.78 11.93 -7.27
CA ASN A 137 -10.65 13.06 -6.85
C ASN A 137 -12.12 12.62 -6.71
N ASN A 138 -12.77 13.09 -5.63
CA ASN A 138 -14.24 13.11 -5.42
C ASN A 138 -14.79 11.68 -5.35
N PHE A 139 -14.22 10.87 -4.47
CA PHE A 139 -14.65 9.47 -4.22
C PHE A 139 -15.23 9.38 -2.82
N TYR A 140 -16.03 8.35 -2.58
CA TYR A 140 -16.57 7.99 -1.24
C TYR A 140 -16.90 6.50 -1.22
N PRO A 141 -16.61 5.76 -0.13
CA PRO A 141 -15.98 6.28 1.08
C PRO A 141 -14.46 6.49 0.95
N LYS A 142 -13.80 6.85 2.06
CA LYS A 142 -12.43 7.41 2.12
C LYS A 142 -11.38 6.35 1.73
N ASP A 143 -11.58 5.09 2.09
CA ASP A 143 -10.55 4.03 1.87
C ASP A 143 -10.36 3.85 0.36
N ILE A 144 -9.11 3.85 -0.09
CA ILE A 144 -8.73 3.73 -1.52
C ILE A 144 -7.33 3.10 -1.59
N ASN A 145 -7.03 2.41 -2.70
CA ASN A 145 -5.69 1.85 -2.99
C ASN A 145 -5.15 2.53 -4.25
N VAL A 146 -3.93 3.07 -4.17
CA VAL A 146 -3.14 3.54 -5.34
C VAL A 146 -1.98 2.57 -5.55
N LYS A 147 -1.89 2.01 -6.76
CA LYS A 147 -0.74 1.17 -7.19
C LYS A 147 0.04 1.97 -8.25
N TRP A 148 1.34 2.19 -8.02
CA TRP A 148 2.28 2.74 -9.04
C TRP A 148 2.94 1.58 -9.78
N LYS A 149 3.03 1.69 -11.10
CA LYS A 149 3.81 0.75 -11.95
C LYS A 149 4.75 1.54 -12.86
N ILE A 150 5.98 1.08 -12.98
CA ILE A 150 7.03 1.65 -13.85
C ILE A 150 7.44 0.54 -14.81
N ASP A 151 7.30 0.77 -16.12
CA ASP A 151 7.48 -0.27 -17.18
C ASP A 151 6.69 -1.53 -16.77
N GLY A 152 5.49 -1.34 -16.22
CA GLY A 152 4.51 -2.41 -15.89
C GLY A 152 4.85 -3.18 -14.62
N SER A 153 5.81 -2.70 -13.82
CA SER A 153 6.25 -3.34 -12.54
C SER A 153 5.92 -2.44 -11.34
N GLU A 154 5.24 -3.00 -10.33
CA GLU A 154 4.79 -2.30 -9.10
C GLU A 154 6.00 -1.66 -8.39
N ARG A 155 5.89 -0.38 -8.04
CA ARG A 155 6.92 0.41 -7.31
C ARG A 155 6.35 0.82 -5.95
N GLN A 156 7.04 0.42 -4.87
CA GLN A 156 6.58 0.58 -3.46
C GLN A 156 7.19 1.86 -2.87
N ASN A 157 8.53 1.95 -2.90
CA ASN A 157 9.32 3.05 -2.29
C ASN A 157 9.21 4.30 -3.17
N GLY A 158 9.45 5.48 -2.57
CA GLY A 158 9.44 6.79 -3.25
C GLY A 158 8.04 7.37 -3.37
N VAL A 159 7.02 6.66 -2.88
CA VAL A 159 5.58 7.04 -3.00
C VAL A 159 5.13 7.63 -1.67
N LEU A 160 4.46 8.78 -1.70
CA LEU A 160 3.88 9.43 -0.51
C LEU A 160 2.49 9.95 -0.85
N ASN A 161 1.52 9.66 0.02
CA ASN A 161 0.08 9.92 -0.18
C ASN A 161 -0.41 10.95 0.85
N SER A 162 -1.46 11.69 0.48
CA SER A 162 -2.15 12.70 1.32
C SER A 162 -3.63 12.74 0.92
N TRP A 163 -4.52 12.48 1.87
CA TRP A 163 -6.00 12.61 1.71
C TRP A 163 -6.41 14.01 2.20
N THR A 164 -7.37 14.62 1.52
CA THR A 164 -8.06 15.84 2.00
C THR A 164 -9.00 15.43 3.13
N ASP A 165 -9.49 16.40 3.91
CA ASP A 165 -10.65 16.20 4.81
C ASP A 165 -11.90 16.12 3.92
N GLN A 166 -12.97 15.48 4.42
CA GLN A 166 -14.28 15.37 3.74
C GLN A 166 -14.66 16.76 3.21
N ASP A 167 -14.95 16.85 1.90
CA ASP A 167 -15.25 18.11 1.18
C ASP A 167 -16.46 18.80 1.83
N SER A 168 -16.37 20.12 2.06
CA SER A 168 -17.42 20.96 2.69
C SER A 168 -18.69 20.94 1.82
N LYS A 169 -18.54 20.85 0.49
CA LYS A 169 -19.65 21.03 -0.48
C LYS A 169 -20.28 19.68 -0.84
N ASP A 170 -19.51 18.65 -1.24
CA ASP A 170 -20.08 17.40 -1.82
C ASP A 170 -19.82 16.18 -0.91
N SER A 171 -19.06 16.32 0.18
CA SER A 171 -18.89 15.29 1.24
C SER A 171 -18.07 14.09 0.72
N THR A 172 -17.30 14.30 -0.36
CA THR A 172 -16.39 13.28 -0.96
C THR A 172 -14.99 13.48 -0.37
N TYR A 173 -14.12 12.52 -0.63
CA TYR A 173 -12.67 12.59 -0.34
C TYR A 173 -11.90 12.64 -1.66
N SER A 174 -10.69 13.18 -1.59
CA SER A 174 -9.70 13.20 -2.69
C SER A 174 -8.34 12.85 -2.09
N MET A 175 -7.44 12.32 -2.92
CA MET A 175 -6.13 11.77 -2.51
C MET A 175 -5.10 12.13 -3.59
N SER A 176 -3.93 12.61 -3.16
CA SER A 176 -2.73 12.76 -4.03
C SER A 176 -1.77 11.61 -3.75
N SER A 177 -1.23 11.02 -4.81
CA SER A 177 -0.10 10.06 -4.74
C SER A 177 1.04 10.61 -5.57
N THR A 178 2.17 10.89 -4.93
CA THR A 178 3.39 11.46 -5.56
C THR A 178 4.52 10.43 -5.46
N LEU A 179 5.03 10.02 -6.63
CA LEU A 179 6.23 9.18 -6.83
C LEU A 179 7.41 10.09 -7.19
N THR A 180 8.40 10.23 -6.30
CA THR A 180 9.57 11.11 -6.50
C THR A 180 10.79 10.28 -6.92
N LEU A 181 11.35 10.59 -8.08
CA LEU A 181 12.56 9.94 -8.66
C LEU A 181 13.60 11.02 -8.95
N THR A 182 14.82 10.61 -9.29
CA THR A 182 15.85 11.48 -9.91
C THR A 182 15.49 11.63 -11.40
N LYS A 183 15.96 12.70 -12.06
CA LYS A 183 15.80 12.82 -13.53
C LYS A 183 16.48 11.61 -14.17
N ASP A 184 17.64 11.20 -13.62
CA ASP A 184 18.40 9.98 -14.03
C ASP A 184 17.46 8.78 -14.11
N GLU A 185 16.85 8.42 -12.98
CA GLU A 185 15.99 7.21 -12.83
C GLU A 185 14.74 7.38 -13.71
N TYR A 186 14.16 8.59 -13.73
CA TYR A 186 12.97 8.91 -14.56
C TYR A 186 13.26 8.55 -16.03
N GLU A 187 14.41 8.97 -16.56
CA GLU A 187 14.76 8.80 -17.99
C GLU A 187 15.15 7.35 -18.31
N ARG A 188 15.29 6.47 -17.30
CA ARG A 188 15.71 5.05 -17.51
C ARG A 188 14.47 4.16 -17.64
N HIS A 189 13.27 4.72 -17.57
CA HIS A 189 11.97 4.04 -17.82
C HIS A 189 11.19 4.82 -18.88
N ASN A 190 10.19 4.19 -19.51
CA ASN A 190 9.35 4.78 -20.59
C ASN A 190 7.89 4.88 -20.12
N SER A 191 7.35 3.86 -19.45
CA SER A 191 5.92 3.76 -19.07
C SER A 191 5.71 4.03 -17.57
N TYR A 192 4.83 4.98 -17.25
CA TYR A 192 4.41 5.33 -15.87
C TYR A 192 2.89 5.26 -15.79
N THR A 193 2.42 4.53 -14.78
CA THR A 193 1.01 4.13 -14.60
C THR A 193 0.64 4.24 -13.12
N CYS A 194 -0.47 4.94 -12.85
N CYS A 194 -0.42 5.00 -12.79
CA CYS A 194 -1.12 5.04 -11.53
CA CYS A 194 -1.05 5.00 -11.44
C CYS A 194 -2.45 4.27 -11.59
C CYS A 194 -2.42 4.31 -11.55
N GLU A 195 -2.67 3.36 -10.65
CA GLU A 195 -3.87 2.46 -10.63
C GLU A 195 -4.67 2.69 -9.37
N ALA A 196 -5.92 3.12 -9.50
CA ALA A 196 -6.87 3.37 -8.40
C ALA A 196 -7.83 2.19 -8.26
N THR A 197 -7.78 1.47 -7.14
CA THR A 197 -8.76 0.42 -6.75
C THR A 197 -9.63 0.97 -5.60
N HIS A 198 -10.95 0.99 -5.83
CA HIS A 198 -11.97 1.52 -4.89
C HIS A 198 -13.18 0.58 -4.89
N LYS A 199 -13.89 0.49 -3.75
CA LYS A 199 -14.96 -0.50 -3.48
C LYS A 199 -16.06 -0.43 -4.56
N THR A 200 -16.25 0.74 -5.18
CA THR A 200 -17.27 0.99 -6.23
C THR A 200 -17.05 0.11 -7.48
N SER A 201 -15.94 -0.63 -7.59
CA SER A 201 -15.66 -1.53 -8.75
C SER A 201 -14.49 -2.48 -8.44
N THR A 202 -14.62 -3.76 -8.85
CA THR A 202 -13.52 -4.76 -8.85
C THR A 202 -12.39 -4.28 -9.78
N SER A 203 -12.74 -3.73 -10.95
CA SER A 203 -11.77 -3.30 -11.99
C SER A 203 -11.11 -1.99 -11.57
N PRO A 204 -9.77 -1.88 -11.65
CA PRO A 204 -9.08 -0.62 -11.30
C PRO A 204 -9.21 0.45 -12.38
N ILE A 205 -9.08 1.72 -11.98
CA ILE A 205 -9.07 2.90 -12.91
C ILE A 205 -7.61 3.26 -13.22
N VAL A 206 -7.19 3.04 -14.47
CA VAL A 206 -5.76 3.14 -14.90
C VAL A 206 -5.58 4.47 -15.66
N LYS A 207 -4.55 5.23 -15.29
CA LYS A 207 -3.97 6.33 -16.11
C LYS A 207 -2.48 6.08 -16.29
N SER A 208 -1.99 6.21 -17.52
CA SER A 208 -0.58 5.97 -17.93
C SER A 208 -0.13 7.04 -18.92
N PHE A 209 1.18 7.26 -19.03
CA PHE A 209 1.79 8.01 -20.14
C PHE A 209 3.12 7.35 -20.50
N ASN A 210 3.59 7.64 -21.71
CA ASN A 210 4.97 7.35 -22.14
C ASN A 210 5.77 8.64 -21.99
N ARG A 211 6.90 8.58 -21.28
CA ARG A 211 7.87 9.70 -21.11
C ARG A 211 8.18 10.39 -22.45
N ASN A 212 8.10 9.69 -23.60
CA ASN A 212 8.59 10.18 -24.91
C ASN A 212 7.44 10.57 -25.85
N GLU A 213 6.34 11.16 -25.38
CA GLU A 213 5.22 11.59 -26.26
C GLU A 213 4.85 13.04 -25.97
N GLN B 1 -12.23 31.36 34.97
CA GLN B 1 -10.91 31.90 35.38
C GLN B 1 -9.91 30.76 35.63
N ILE B 2 -10.35 29.50 35.78
CA ILE B 2 -9.43 28.33 35.83
C ILE B 2 -8.87 28.08 34.41
N GLN B 3 -7.55 28.24 34.25
CA GLN B 3 -6.83 27.99 32.99
C GLN B 3 -5.55 27.21 33.26
N LEU B 4 -5.12 26.47 32.25
CA LEU B 4 -3.74 25.95 32.07
C LEU B 4 -3.21 26.51 30.75
N GLN B 5 -2.09 27.23 30.80
CA GLN B 5 -1.53 27.98 29.65
C GLN B 5 -0.13 27.46 29.36
N GLN B 6 0.05 26.76 28.25
CA GLN B 6 1.34 26.14 27.88
C GLN B 6 2.15 27.11 27.02
N SER B 7 3.47 26.93 27.03
CA SER B 7 4.45 27.63 26.15
C SER B 7 4.13 27.35 24.68
N GLY B 8 4.62 28.22 23.79
CA GLY B 8 4.37 28.17 22.34
C GLY B 8 5.06 26.98 21.67
N PRO B 9 4.96 26.84 20.33
CA PRO B 9 5.55 25.70 19.63
C PRO B 9 7.07 25.66 19.74
N GLU B 10 7.65 24.46 19.66
CA GLU B 10 9.10 24.21 19.82
C GLU B 10 9.64 23.50 18.57
N LEU B 11 10.73 24.04 18.00
CA LEU B 11 11.54 23.38 16.94
C LEU B 11 12.88 22.99 17.55
N VAL B 12 13.19 21.70 17.61
CA VAL B 12 14.38 21.17 18.33
C VAL B 12 15.09 20.15 17.43
N LYS B 13 16.40 20.04 17.57
CA LYS B 13 17.27 19.12 16.78
C LYS B 13 17.30 17.75 17.45
N PRO B 14 17.43 16.66 16.66
CA PRO B 14 17.61 15.32 17.23
C PRO B 14 18.76 15.32 18.25
N GLY B 15 18.57 14.67 19.39
CA GLY B 15 19.58 14.54 20.45
C GLY B 15 19.41 15.60 21.54
N ALA B 16 18.83 16.75 21.20
CA ALA B 16 18.66 17.90 22.13
C ALA B 16 17.56 17.60 23.15
N SER B 17 17.36 18.50 24.10
CA SER B 17 16.30 18.47 25.14
C SER B 17 15.36 19.65 24.96
N VAL B 18 14.20 19.61 25.59
CA VAL B 18 13.21 20.74 25.60
C VAL B 18 12.44 20.69 26.92
N LYS B 19 12.03 21.87 27.39
CA LYS B 19 11.23 22.06 28.63
C LYS B 19 9.94 22.80 28.24
N ILE B 20 8.80 22.09 28.28
CA ILE B 20 7.45 22.67 28.04
C ILE B 20 6.89 23.11 29.39
N SER B 21 6.30 24.30 29.45
CA SER B 21 5.73 24.91 30.68
C SER B 21 4.20 24.84 30.64
N CYS B 22 3.57 24.75 31.81
CA CYS B 22 2.11 24.68 32.01
C CYS B 22 1.74 25.60 33.18
N LYS B 23 1.24 26.81 32.88
CA LYS B 23 0.97 27.88 33.87
C LYS B 23 -0.48 27.76 34.35
N ALA B 24 -0.68 27.35 35.61
CA ALA B 24 -2.00 27.27 36.26
C ALA B 24 -2.36 28.63 36.85
N SER B 25 -3.64 29.01 36.76
CA SER B 25 -4.20 30.27 37.32
C SER B 25 -5.68 30.05 37.62
N GLY B 26 -6.20 30.76 38.63
CA GLY B 26 -7.63 30.77 39.01
C GLY B 26 -7.99 29.66 39.99
N TYR B 27 -6.99 28.97 40.53
CA TYR B 27 -7.15 27.93 41.58
C TYR B 27 -5.81 27.75 42.28
N THR B 28 -5.78 27.01 43.39
CA THR B 28 -4.56 26.79 44.21
C THR B 28 -3.74 25.67 43.56
N PHE B 29 -2.64 26.03 42.92
CA PHE B 29 -1.81 25.16 42.04
C PHE B 29 -1.38 23.89 42.78
N THR B 30 -1.04 24.01 44.07
CA THR B 30 -0.38 22.96 44.88
C THR B 30 -1.37 21.88 45.35
N ASP B 31 -2.65 21.98 44.98
CA ASP B 31 -3.74 21.20 45.62
C ASP B 31 -4.30 20.14 44.66
N PHE B 32 -3.83 20.08 43.41
CA PHE B 32 -4.49 19.27 42.34
C PHE B 32 -3.42 18.58 41.47
N TYR B 33 -3.66 17.30 41.15
CA TYR B 33 -2.78 16.47 40.27
C TYR B 33 -2.80 17.04 38.85
N ILE B 34 -1.62 17.12 38.23
CA ILE B 34 -1.45 17.53 36.81
C ILE B 34 -0.95 16.32 36.01
N ASN B 35 -1.70 15.92 35.00
CA ASN B 35 -1.35 14.84 34.05
C ASN B 35 -0.68 15.49 32.83
N TRP B 36 0.22 14.76 32.16
CA TRP B 36 0.80 15.16 30.85
C TRP B 36 0.46 14.07 29.84
N MET B 37 0.06 14.48 28.63
CA MET B 37 -0.40 13.59 27.54
C MET B 37 0.39 13.91 26.27
N LYS B 38 0.50 12.92 25.37
CA LYS B 38 1.14 13.02 24.03
C LYS B 38 0.11 12.60 22.96
N GLN B 39 0.01 13.37 21.87
CA GLN B 39 -0.90 13.07 20.73
C GLN B 39 -0.22 13.43 19.41
N ARG B 40 -0.04 12.44 18.54
CA ARG B 40 0.28 12.62 17.10
C ARG B 40 -1.02 12.93 16.36
N PRO B 41 -0.98 13.80 15.31
CA PRO B 41 -2.16 14.17 14.55
C PRO B 41 -3.14 13.01 14.25
N GLY B 42 -4.40 13.15 14.68
CA GLY B 42 -5.49 12.20 14.36
C GLY B 42 -5.42 10.90 15.15
N GLN B 43 -4.40 10.74 16.01
CA GLN B 43 -4.09 9.46 16.72
C GLN B 43 -4.62 9.54 18.16
N GLY B 44 -4.76 8.38 18.81
CA GLY B 44 -5.13 8.27 20.23
C GLY B 44 -4.13 8.99 21.12
N LEU B 45 -4.56 9.49 22.26
CA LEU B 45 -3.67 10.15 23.23
C LEU B 45 -2.89 9.07 23.98
N GLU B 46 -1.69 9.41 24.45
CA GLU B 46 -0.90 8.58 25.40
C GLU B 46 -0.67 9.39 26.67
N TRP B 47 -0.78 8.76 27.82
CA TRP B 47 -0.48 9.35 29.15
C TRP B 47 1.02 9.22 29.42
N ILE B 48 1.64 10.29 29.89
CA ILE B 48 3.11 10.36 30.18
C ILE B 48 3.34 10.08 31.67
N GLY B 49 2.60 10.78 32.53
CA GLY B 49 2.78 10.76 33.99
C GLY B 49 2.01 11.88 34.65
N TRP B 50 1.96 11.88 35.98
CA TRP B 50 1.43 13.01 36.77
C TRP B 50 2.48 13.56 37.72
N ILE B 51 2.24 14.78 38.21
CA ILE B 51 3.00 15.41 39.32
C ILE B 51 1.98 16.03 40.26
N PHE B 52 2.15 15.85 41.57
CA PHE B 52 1.40 16.58 42.62
C PHE B 52 2.23 17.81 42.98
N PRO B 53 1.86 19.02 42.52
CA PRO B 53 2.72 20.19 42.65
C PRO B 53 2.99 20.60 44.11
N GLY B 54 2.15 20.17 45.05
CA GLY B 54 2.32 20.43 46.48
C GLY B 54 3.58 19.78 47.03
N SER B 55 3.93 18.60 46.53
CA SER B 55 5.03 17.75 47.06
C SER B 55 6.15 17.55 46.02
N GLY B 56 5.83 17.60 44.73
CA GLY B 56 6.76 17.24 43.65
C GLY B 56 6.79 15.74 43.42
N ASN B 57 5.90 15.01 44.10
CA ASN B 57 5.68 13.55 43.88
CA ASN B 57 5.65 13.56 43.89
C ASN B 57 5.19 13.35 42.44
N THR B 58 5.72 12.33 41.77
CA THR B 58 5.48 12.02 40.34
C THR B 58 5.22 10.51 40.17
N HIS B 59 4.49 10.14 39.12
CA HIS B 59 4.33 8.73 38.66
C HIS B 59 4.29 8.71 37.14
N TYR B 60 5.00 7.76 36.52
CA TYR B 60 5.25 7.70 35.06
C TYR B 60 4.66 6.43 34.44
N ASN B 61 4.12 6.56 33.23
CA ASN B 61 3.95 5.43 32.28
C ASN B 61 5.35 4.81 32.08
N GLU B 62 5.46 3.49 32.18
CA GLU B 62 6.75 2.77 31.93
C GLU B 62 7.33 3.20 30.57
N LYS B 63 6.49 3.45 29.55
CA LYS B 63 6.92 3.83 28.18
C LYS B 63 7.74 5.13 28.16
N PHE B 64 7.45 6.06 29.08
CA PHE B 64 8.05 7.42 29.07
C PHE B 64 8.98 7.65 30.27
N LYS B 65 9.26 6.63 31.09
CA LYS B 65 10.00 6.82 32.38
C LYS B 65 11.45 7.25 32.13
N GLY B 66 11.99 7.04 30.91
CA GLY B 66 13.36 7.45 30.53
C GLY B 66 13.40 8.65 29.59
N LYS B 67 12.24 9.15 29.17
CA LYS B 67 12.06 10.18 28.11
C LYS B 67 11.69 11.53 28.75
N ALA B 68 10.80 11.50 29.75
CA ALA B 68 10.16 12.69 30.34
C ALA B 68 10.49 12.77 31.84
N THR B 69 10.63 14.00 32.34
CA THR B 69 10.92 14.35 33.74
C THR B 69 10.02 15.54 34.14
N LEU B 70 9.11 15.31 35.09
CA LEU B 70 8.10 16.31 35.52
C LEU B 70 8.60 17.05 36.76
N ILE B 71 8.52 18.39 36.74
CA ILE B 71 8.86 19.27 37.90
C ILE B 71 7.84 20.41 37.97
N VAL B 72 7.85 21.15 39.08
CA VAL B 72 6.98 22.33 39.33
C VAL B 72 7.83 23.44 39.96
N ASP B 73 7.52 24.69 39.61
CA ASP B 73 7.95 25.89 40.37
C ASP B 73 6.70 26.43 41.07
N THR B 74 6.55 26.12 42.36
CA THR B 74 5.30 26.34 43.13
C THR B 74 5.08 27.85 43.33
N SER B 75 6.12 28.67 43.21
CA SER B 75 6.07 30.16 43.29
C SER B 75 5.29 30.73 42.10
N SER B 76 5.55 30.24 40.87
CA SER B 76 4.98 30.77 39.61
C SER B 76 3.71 29.99 39.22
N SER B 77 3.38 28.94 39.95
CA SER B 77 2.24 28.02 39.68
C SER B 77 2.37 27.42 38.28
N THR B 78 3.60 27.05 37.90
CA THR B 78 3.92 26.48 36.57
C THR B 78 4.42 25.03 36.75
N ALA B 79 3.78 24.08 36.05
CA ALA B 79 4.29 22.71 35.85
C ALA B 79 5.20 22.71 34.61
N PHE B 80 6.27 21.90 34.64
CA PHE B 80 7.23 21.76 33.52
C PHE B 80 7.43 20.28 33.21
N MET B 81 7.52 19.96 31.91
CA MET B 81 7.91 18.60 31.44
C MET B 81 9.20 18.72 30.61
N GLN B 82 10.25 18.04 31.07
CA GLN B 82 11.56 17.96 30.35
CA GLN B 82 11.56 17.96 30.35
C GLN B 82 11.55 16.70 29.48
N LEU B 83 11.68 16.89 28.16
CA LEU B 83 11.88 15.78 27.19
C LEU B 83 13.36 15.77 26.81
N ASN B 84 13.99 14.59 26.85
CA ASN B 84 15.45 14.40 26.64
C ASN B 84 15.65 13.45 25.44
N SER B 85 16.85 13.45 24.86
CA SER B 85 17.30 12.52 23.79
C SER B 85 16.33 12.55 22.60
N LEU B 86 15.80 13.73 22.25
CA LEU B 86 14.65 13.88 21.30
C LEU B 86 14.98 13.26 19.93
N THR B 87 14.04 12.50 19.38
CA THR B 87 13.99 12.03 17.97
C THR B 87 12.65 12.42 17.37
N SER B 88 12.45 12.14 16.07
CA SER B 88 11.22 12.46 15.29
C SER B 88 10.00 11.72 15.86
N GLU B 89 10.20 10.63 16.60
CA GLU B 89 9.13 9.86 17.29
C GLU B 89 8.56 10.69 18.45
N ASP B 90 9.28 11.73 18.90
CA ASP B 90 8.83 12.66 19.98
C ASP B 90 8.07 13.84 19.37
N SER B 91 8.15 14.05 18.06
CA SER B 91 7.30 15.04 17.32
C SER B 91 5.82 14.73 17.61
N ALA B 92 5.12 15.66 18.27
CA ALA B 92 3.73 15.48 18.73
C ALA B 92 3.19 16.79 19.31
N VAL B 93 1.89 16.81 19.62
CA VAL B 93 1.25 17.81 20.52
C VAL B 93 1.25 17.26 21.95
N TYR B 94 1.80 18.04 22.90
CA TYR B 94 1.80 17.69 24.35
C TYR B 94 0.79 18.59 25.08
N PHE B 95 -0.02 17.97 25.94
CA PHE B 95 -1.09 18.61 26.76
C PHE B 95 -0.75 18.38 28.23
N CYS B 96 -0.90 19.42 29.07
CA CYS B 96 -1.07 19.25 30.53
C CYS B 96 -2.58 19.33 30.80
N THR B 97 -3.04 18.64 31.84
CA THR B 97 -4.49 18.47 32.09
C THR B 97 -4.72 18.08 33.55
N ARG B 98 -5.61 18.79 34.23
CA ARG B 98 -6.24 18.34 35.50
C ARG B 98 -7.26 17.26 35.15
N PRO B 99 -7.13 16.03 35.69
CA PRO B 99 -8.03 14.95 35.29
C PRO B 99 -9.47 15.09 35.78
N VAL B 100 -10.37 14.36 35.12
CA VAL B 100 -11.79 14.21 35.53
C VAL B 100 -11.85 13.71 36.98
N SER B 101 -12.77 14.24 37.78
CA SER B 101 -13.03 13.84 39.18
C SER B 101 -14.54 13.69 39.40
N TYR B 102 -14.94 12.74 40.25
CA TYR B 102 -16.32 12.62 40.77
C TYR B 102 -16.72 13.88 41.57
N TYR B 103 -15.75 14.68 42.03
CA TYR B 103 -15.94 15.74 43.05
C TYR B 103 -15.94 17.14 42.42
N TYR B 104 -15.53 17.27 41.15
CA TYR B 104 -15.47 18.54 40.40
C TYR B 104 -16.32 18.41 39.13
N ASP B 105 -16.99 19.51 38.76
CA ASP B 105 -17.87 19.64 37.57
C ASP B 105 -17.11 19.30 36.27
N PHE B 106 -15.88 19.79 36.13
CA PHE B 106 -15.12 19.81 34.85
C PHE B 106 -13.73 19.19 35.02
N ASP B 107 -13.12 18.79 33.91
CA ASP B 107 -11.65 18.63 33.81
C ASP B 107 -11.13 19.91 33.14
N TYR B 108 -9.81 20.08 33.08
CA TYR B 108 -9.14 21.27 32.49
C TYR B 108 -7.94 20.81 31.67
N TRP B 109 -7.76 21.40 30.48
CA TRP B 109 -6.67 21.09 29.52
C TRP B 109 -5.94 22.39 29.13
N GLY B 110 -4.61 22.34 29.06
CA GLY B 110 -3.80 23.33 28.32
C GLY B 110 -4.19 23.32 26.85
N GLN B 111 -3.82 24.38 26.12
CA GLN B 111 -4.20 24.53 24.69
C GLN B 111 -3.39 23.53 23.85
N GLY B 112 -2.34 22.94 24.44
CA GLY B 112 -1.40 22.02 23.76
C GLY B 112 -0.16 22.76 23.29
N THR B 113 0.99 22.08 23.30
CA THR B 113 2.31 22.52 22.77
C THR B 113 2.72 21.58 21.64
N THR B 114 2.88 22.10 20.40
CA THR B 114 3.37 21.32 19.24
C THR B 114 4.90 21.30 19.28
N LEU B 115 5.49 20.11 19.33
CA LEU B 115 6.96 19.90 19.28
C LEU B 115 7.30 19.28 17.92
N THR B 116 8.15 19.95 17.16
CA THR B 116 8.78 19.45 15.90
C THR B 116 10.24 19.13 16.21
N VAL B 117 10.63 17.86 16.09
CA VAL B 117 12.03 17.38 16.25
C VAL B 117 12.59 17.11 14.85
N SER B 118 13.42 18.03 14.34
CA SER B 118 13.93 18.02 12.95
C SER B 118 15.31 18.70 12.88
N SER B 119 16.12 18.28 11.91
CA SER B 119 17.44 18.91 11.57
C SER B 119 17.24 19.96 10.48
N ALA B 120 16.04 20.02 9.90
CA ALA B 120 15.65 20.96 8.82
C ALA B 120 15.82 22.41 9.29
N LYS B 121 16.25 23.27 8.36
CA LYS B 121 16.27 24.75 8.54
C LYS B 121 15.22 25.33 7.58
N THR B 122 14.76 26.55 7.85
CA THR B 122 13.81 27.31 7.00
C THR B 122 14.26 27.19 5.54
N THR B 123 13.36 26.79 4.66
CA THR B 123 13.65 26.47 3.24
C THR B 123 12.44 26.88 2.40
N ALA B 124 12.68 27.63 1.33
CA ALA B 124 11.66 28.11 0.37
C ALA B 124 11.17 26.92 -0.45
N PRO B 125 9.87 26.92 -0.82
CA PRO B 125 9.33 25.89 -1.71
C PRO B 125 9.76 26.08 -3.16
N SER B 126 10.00 24.96 -3.85
CA SER B 126 9.92 24.87 -5.32
C SER B 126 8.45 24.70 -5.68
N VAL B 127 7.97 25.43 -6.68
CA VAL B 127 6.57 25.37 -7.17
C VAL B 127 6.59 24.99 -8.64
N TYR B 128 5.85 23.93 -9.01
CA TYR B 128 5.82 23.40 -10.40
C TYR B 128 4.38 23.34 -10.91
N PRO B 129 4.14 23.81 -12.16
CA PRO B 129 2.84 23.63 -12.81
C PRO B 129 2.68 22.18 -13.32
N LEU B 130 1.55 21.54 -13.02
CA LEU B 130 1.20 20.19 -13.51
C LEU B 130 0.15 20.32 -14.62
N ALA B 131 0.58 20.35 -15.88
CA ALA B 131 -0.32 20.36 -17.06
C ALA B 131 -0.70 18.93 -17.42
N PRO B 132 -1.83 18.70 -18.14
CA PRO B 132 -2.19 17.36 -18.59
C PRO B 132 -1.14 16.80 -19.58
N VAL B 133 -1.17 15.49 -19.80
CA VAL B 133 -0.27 14.79 -20.76
C VAL B 133 -0.51 15.37 -22.16
N CYS B 134 0.53 15.40 -23.01
CA CYS B 134 0.45 15.69 -24.47
C CYS B 134 -0.57 14.75 -25.11
N GLY B 135 -1.82 15.22 -25.25
CA GLY B 135 -2.97 14.42 -25.74
C GLY B 135 -3.94 14.10 -24.62
N GLY B 139 -11.05 15.58 -23.93
CA GLY B 139 -12.11 15.29 -22.94
C GLY B 139 -13.01 16.48 -22.65
N SER B 140 -14.11 16.27 -21.94
CA SER B 140 -15.10 17.31 -21.54
C SER B 140 -14.53 18.17 -20.42
N SER B 141 -13.96 17.53 -19.39
CA SER B 141 -13.36 18.19 -18.19
C SER B 141 -11.83 18.02 -18.22
N VAL B 142 -11.13 18.98 -17.61
CA VAL B 142 -9.64 19.02 -17.51
C VAL B 142 -9.26 19.27 -16.05
N THR B 143 -8.36 18.45 -15.52
CA THR B 143 -7.76 18.58 -14.17
C THR B 143 -6.32 19.07 -14.33
N LEU B 144 -6.02 20.24 -13.78
CA LEU B 144 -4.66 20.84 -13.66
C LEU B 144 -4.18 20.68 -12.22
N GLY B 145 -2.88 20.85 -11.99
CA GLY B 145 -2.25 20.64 -10.69
C GLY B 145 -1.14 21.63 -10.42
N CYS B 146 -0.77 21.72 -9.14
CA CYS B 146 0.31 22.58 -8.60
C CYS B 146 1.06 21.75 -7.57
N LEU B 147 2.36 21.54 -7.77
CA LEU B 147 3.22 20.74 -6.87
C LEU B 147 4.12 21.71 -6.11
N VAL B 148 4.04 21.68 -4.78
CA VAL B 148 4.84 22.58 -3.90
C VAL B 148 5.80 21.70 -3.11
N LYS B 149 7.11 21.79 -3.37
CA LYS B 149 8.07 20.75 -2.97
C LYS B 149 9.26 21.34 -2.18
N GLY B 150 9.64 20.67 -1.09
CA GLY B 150 10.94 20.85 -0.41
C GLY B 150 11.00 22.11 0.44
N TYR B 151 9.96 22.42 1.21
CA TYR B 151 9.89 23.63 2.07
C TYR B 151 9.92 23.21 3.54
N PHE B 152 10.27 24.16 4.40
CA PHE B 152 10.26 24.02 5.88
C PHE B 152 10.34 25.40 6.51
N PRO B 153 9.60 25.69 7.61
CA PRO B 153 8.61 24.78 8.19
C PRO B 153 7.23 24.98 7.54
N GLU B 154 6.19 24.39 8.12
CA GLU B 154 4.76 24.67 7.81
C GLU B 154 4.42 26.07 8.29
N PRO B 155 3.37 26.75 7.75
CA PRO B 155 2.59 26.26 6.60
C PRO B 155 2.88 26.97 5.27
N VAL B 156 2.23 26.51 4.19
CA VAL B 156 2.06 27.31 2.94
C VAL B 156 0.56 27.47 2.69
N THR B 157 0.18 28.57 2.05
CA THR B 157 -1.20 28.80 1.54
C THR B 157 -1.12 28.69 0.01
N LEU B 158 -2.16 28.12 -0.58
CA LEU B 158 -2.28 27.93 -2.05
C LEU B 158 -3.68 28.38 -2.47
N THR B 159 -3.75 29.23 -3.50
CA THR B 159 -5.00 29.62 -4.18
C THR B 159 -4.83 29.42 -5.69
N TRP B 160 -5.93 29.47 -6.43
CA TRP B 160 -5.96 29.50 -7.90
C TRP B 160 -6.57 30.84 -8.33
N ASN B 161 -5.96 31.48 -9.34
CA ASN B 161 -6.35 32.81 -9.88
C ASN B 161 -6.69 33.72 -8.68
N SER B 162 -5.83 33.70 -7.66
CA SER B 162 -5.86 34.62 -6.50
C SER B 162 -7.16 34.43 -5.68
N GLY B 163 -7.75 33.23 -5.70
CA GLY B 163 -8.94 32.88 -4.91
C GLY B 163 -10.24 32.91 -5.71
N SER B 164 -10.22 33.47 -6.91
CA SER B 164 -11.40 33.60 -7.82
C SER B 164 -11.83 32.22 -8.35
N LEU B 165 -10.90 31.26 -8.48
CA LEU B 165 -11.20 29.86 -8.85
C LEU B 165 -11.16 28.99 -7.57
N SER B 166 -12.32 28.79 -6.96
CA SER B 166 -12.47 28.09 -5.65
C SER B 166 -13.29 26.80 -5.82
N SER B 167 -14.11 26.73 -6.87
CA SER B 167 -14.91 25.53 -7.22
C SER B 167 -14.00 24.45 -7.85
N GLY B 168 -14.27 23.19 -7.54
CA GLY B 168 -13.52 22.02 -8.07
C GLY B 168 -12.04 22.08 -7.73
N VAL B 169 -11.67 22.69 -6.60
CA VAL B 169 -10.29 22.73 -6.04
C VAL B 169 -10.17 21.76 -4.85
N HIS B 170 -9.08 20.97 -4.82
CA HIS B 170 -8.62 20.21 -3.63
C HIS B 170 -7.17 20.59 -3.34
N THR B 171 -6.88 21.04 -2.12
CA THR B 171 -5.52 21.30 -1.60
C THR B 171 -5.20 20.24 -0.56
N PHE B 172 -4.20 19.39 -0.85
CA PHE B 172 -3.87 18.19 -0.04
C PHE B 172 -2.98 18.62 1.12
N PRO B 173 -3.23 18.13 2.36
CA PRO B 173 -2.36 18.45 3.49
C PRO B 173 -0.90 18.09 3.21
N ALA B 174 0.03 18.85 3.77
CA ALA B 174 1.48 18.65 3.60
C ALA B 174 1.91 17.35 4.26
N VAL B 175 2.86 16.64 3.63
CA VAL B 175 3.53 15.41 4.15
C VAL B 175 5.04 15.68 4.28
N LEU B 176 5.68 15.16 5.33
CA LEU B 176 7.15 15.25 5.55
C LEU B 176 7.87 14.13 4.80
N GLN B 177 8.57 14.47 3.71
CA GLN B 177 9.50 13.56 2.99
C GLN B 177 10.95 13.98 3.30
N SER B 178 11.73 13.09 3.91
CA SER B 178 13.16 13.29 4.23
C SER B 178 13.39 14.75 4.69
N ASP B 179 12.71 15.13 5.77
CA ASP B 179 12.93 16.36 6.57
C ASP B 179 12.70 17.62 5.72
N LEU B 180 11.81 17.53 4.74
CA LEU B 180 11.21 18.70 4.04
C LEU B 180 9.75 18.35 3.73
N TYR B 181 8.92 19.36 3.50
CA TYR B 181 7.46 19.21 3.29
C TYR B 181 7.15 19.29 1.78
N THR B 182 6.22 18.44 1.33
CA THR B 182 5.60 18.44 0.00
C THR B 182 4.09 18.59 0.15
N LEU B 183 3.51 19.51 -0.63
CA LEU B 183 2.05 19.79 -0.70
C LEU B 183 1.68 19.90 -2.19
N SER B 184 0.48 19.49 -2.56
CA SER B 184 -0.02 19.61 -3.95
C SER B 184 -1.47 20.11 -3.94
N SER B 185 -1.94 20.62 -5.08
CA SER B 185 -3.34 21.07 -5.27
C SER B 185 -3.78 20.70 -6.70
N SER B 186 -5.04 20.26 -6.83
CA SER B 186 -5.73 20.02 -8.12
C SER B 186 -6.85 21.03 -8.30
N VAL B 187 -7.12 21.43 -9.54
CA VAL B 187 -8.33 22.22 -9.92
C VAL B 187 -8.90 21.60 -11.20
N THR B 188 -10.21 21.38 -11.24
CA THR B 188 -10.92 20.82 -12.43
C THR B 188 -11.83 21.92 -13.00
N VAL B 189 -11.71 22.16 -14.31
CA VAL B 189 -12.53 23.12 -15.09
C VAL B 189 -13.00 22.40 -16.36
N THR B 190 -13.94 23.00 -17.10
CA THR B 190 -14.40 22.50 -18.42
C THR B 190 -13.29 22.77 -19.44
N SER B 191 -13.16 21.87 -20.43
CA SER B 191 -12.18 21.93 -21.56
C SER B 191 -12.30 23.27 -22.30
N SER B 192 -13.52 23.83 -22.39
CA SER B 192 -13.81 25.15 -23.01
C SER B 192 -13.07 26.26 -22.24
N THR B 193 -12.90 26.12 -20.92
CA THR B 193 -12.27 27.12 -20.01
C THR B 193 -10.76 27.17 -20.20
N TRP B 194 -10.09 26.02 -20.29
CA TRP B 194 -8.62 25.89 -20.35
C TRP B 194 -8.21 25.04 -21.56
N PRO B 195 -7.21 25.45 -22.37
CA PRO B 195 -6.31 26.55 -22.02
C PRO B 195 -6.65 27.95 -22.61
N SER B 196 -7.91 28.20 -22.96
CA SER B 196 -8.38 29.48 -23.57
C SER B 196 -8.27 30.65 -22.58
N GLN B 197 -8.34 30.36 -21.27
CA GLN B 197 -8.22 31.36 -20.17
C GLN B 197 -7.03 30.97 -19.28
N SER B 198 -6.34 31.95 -18.70
CA SER B 198 -5.14 31.70 -17.86
C SER B 198 -5.57 31.14 -16.49
N ILE B 199 -4.95 30.05 -16.07
CA ILE B 199 -5.09 29.48 -14.69
C ILE B 199 -3.69 29.47 -14.07
N THR B 200 -3.58 30.00 -12.85
CA THR B 200 -2.32 30.20 -12.08
C THR B 200 -2.53 29.75 -10.63
N CYS B 201 -1.62 28.95 -10.06
CA CYS B 201 -1.58 28.68 -8.60
C CYS B 201 -0.69 29.73 -7.92
N ASN B 202 -1.16 30.25 -6.79
CA ASN B 202 -0.48 31.31 -5.98
C ASN B 202 -0.09 30.66 -4.65
N VAL B 203 1.20 30.53 -4.43
CA VAL B 203 1.79 29.84 -3.25
C VAL B 203 2.48 30.90 -2.40
N ALA B 204 2.16 30.93 -1.10
CA ALA B 204 2.86 31.78 -0.11
C ALA B 204 3.47 30.89 0.98
N HIS B 205 4.75 31.11 1.28
CA HIS B 205 5.48 30.51 2.42
C HIS B 205 6.02 31.64 3.29
N PRO B 206 5.21 32.19 4.23
CA PRO B 206 5.64 33.32 5.06
C PRO B 206 7.02 33.18 5.74
N ALA B 207 7.37 31.98 6.21
CA ALA B 207 8.57 31.74 7.06
C ALA B 207 9.85 31.91 6.25
N SER B 208 9.84 31.67 4.94
CA SER B 208 10.99 31.90 4.03
C SER B 208 10.79 33.19 3.21
N SER B 209 9.79 34.01 3.58
CA SER B 209 9.39 35.27 2.90
C SER B 209 9.24 35.06 1.38
N THR B 210 8.56 33.98 0.98
CA THR B 210 8.42 33.55 -0.43
C THR B 210 6.97 33.66 -0.90
N LYS B 211 6.75 34.22 -2.09
CA LYS B 211 5.50 34.09 -2.89
C LYS B 211 5.90 33.59 -4.27
N VAL B 212 5.13 32.67 -4.85
CA VAL B 212 5.37 32.14 -6.22
C VAL B 212 4.03 32.05 -6.94
N ASP B 213 3.97 32.59 -8.16
CA ASP B 213 2.84 32.47 -9.10
C ASP B 213 3.29 31.57 -10.25
N LYS B 214 2.64 30.44 -10.48
CA LYS B 214 2.95 29.55 -11.63
C LYS B 214 1.72 29.43 -12.52
N LYS B 215 1.74 30.09 -13.68
CA LYS B 215 0.73 29.90 -14.74
C LYS B 215 0.92 28.49 -15.29
N ILE B 216 -0.19 27.75 -15.46
CA ILE B 216 -0.20 26.38 -16.03
C ILE B 216 -0.25 26.55 -17.55
N GLU B 217 0.75 26.01 -18.27
CA GLU B 217 0.86 26.12 -19.74
C GLU B 217 0.71 24.72 -20.33
N PRO B 218 0.02 24.57 -21.49
CA PRO B 218 0.00 23.30 -22.21
C PRO B 218 1.44 22.76 -22.43
N ARG B 219 1.69 21.50 -22.08
CA ARG B 219 2.88 20.74 -22.52
C ARG B 219 2.82 20.59 -24.05
N GLY B 220 3.94 20.32 -24.69
CA GLY B 220 3.96 19.92 -26.10
C GLY B 220 5.35 20.05 -26.72
N PRO B 221 5.47 19.83 -28.05
CA PRO B 221 6.73 19.98 -28.76
C PRO B 221 7.29 21.41 -28.72
N ASP C 2 -2.66 -11.67 57.12
CA ASP C 2 -2.68 -10.29 57.69
C ASP C 2 -2.46 -9.27 56.57
N LEU C 3 -1.64 -9.61 55.56
CA LEU C 3 -1.48 -8.87 54.29
C LEU C 3 -2.86 -8.61 53.66
N GLU C 4 -3.71 -9.64 53.62
CA GLU C 4 -5.11 -9.57 53.11
C GLU C 4 -5.90 -8.49 53.89
N ASP C 5 -5.76 -8.45 55.22
CA ASP C 5 -6.52 -7.56 56.13
C ASP C 5 -6.01 -6.12 55.99
N ASN C 6 -4.73 -5.93 55.66
CA ASN C 6 -4.13 -4.59 55.38
C ASN C 6 -4.76 -4.04 54.09
N TRP C 7 -4.83 -4.87 53.04
CA TRP C 7 -5.52 -4.48 51.77
C TRP C 7 -6.94 -4.02 52.10
N GLU C 8 -7.65 -4.78 52.95
CA GLU C 8 -9.09 -4.54 53.27
CA GLU C 8 -9.09 -4.53 53.26
C GLU C 8 -9.24 -3.23 54.06
N THR C 9 -8.27 -2.92 54.94
CA THR C 9 -8.21 -1.65 55.71
C THR C 9 -8.05 -0.48 54.73
N LEU C 10 -7.12 -0.59 53.78
CA LEU C 10 -6.93 0.38 52.66
C LEU C 10 -8.24 0.53 51.89
N ASN C 11 -8.89 -0.59 51.56
CA ASN C 11 -10.12 -0.63 50.73
C ASN C 11 -11.26 0.02 51.53
N ASP C 12 -11.37 -0.31 52.82
CA ASP C 12 -12.47 0.14 53.72
C ASP C 12 -12.42 1.66 53.91
N ASN C 13 -11.21 2.21 54.11
CA ASN C 13 -11.00 3.64 54.43
C ASN C 13 -11.18 4.49 53.15
N LEU C 14 -10.97 3.91 51.97
CA LEU C 14 -11.27 4.61 50.69
C LEU C 14 -12.77 4.87 50.58
N LYS C 15 -13.62 3.94 51.05
CA LYS C 15 -15.10 4.14 51.08
C LYS C 15 -15.44 5.27 52.06
N VAL C 16 -14.76 5.33 53.21
CA VAL C 16 -15.02 6.32 54.29
C VAL C 16 -14.66 7.72 53.77
N ILE C 17 -13.50 7.87 53.13
CA ILE C 17 -13.07 9.15 52.51
C ILE C 17 -14.14 9.59 51.50
N GLU C 18 -14.63 8.66 50.67
CA GLU C 18 -15.61 8.96 49.59
C GLU C 18 -16.87 9.59 50.19
N LYS C 19 -17.37 9.05 51.30
CA LYS C 19 -18.67 9.43 51.92
C LYS C 19 -18.49 10.58 52.92
N ALA C 20 -17.24 10.91 53.30
CA ALA C 20 -16.87 11.84 54.40
C ALA C 20 -17.54 13.21 54.23
N ASP C 21 -18.01 13.78 55.34
CA ASP C 21 -18.68 15.12 55.43
C ASP C 21 -17.63 16.22 55.64
N ASN C 22 -16.57 15.91 56.41
CA ASN C 22 -15.64 16.91 57.00
C ASN C 22 -14.20 16.40 56.88
N ALA C 23 -13.22 17.24 57.24
CA ALA C 23 -11.76 17.01 57.16
C ALA C 23 -11.31 15.96 58.19
N ALA C 24 -11.92 15.92 59.38
CA ALA C 24 -11.56 14.97 60.47
C ALA C 24 -11.72 13.53 59.98
N GLN C 25 -12.90 13.20 59.44
CA GLN C 25 -13.23 11.86 58.89
C GLN C 25 -12.17 11.46 57.85
N VAL C 26 -11.83 12.37 56.94
CA VAL C 26 -10.81 12.16 55.88
C VAL C 26 -9.46 11.89 56.53
N LYS C 27 -9.03 12.75 57.46
CA LYS C 27 -7.68 12.70 58.08
C LYS C 27 -7.50 11.33 58.75
N ASP C 28 -8.46 10.95 59.60
CA ASP C 28 -8.46 9.69 60.41
C ASP C 28 -8.33 8.48 59.46
N ALA C 29 -8.98 8.52 58.30
CA ALA C 29 -9.00 7.41 57.32
C ALA C 29 -7.61 7.27 56.70
N LEU C 30 -7.08 8.37 56.16
CA LEU C 30 -5.75 8.42 55.49
C LEU C 30 -4.65 7.94 56.43
N THR C 31 -4.65 8.36 57.69
CA THR C 31 -3.62 7.98 58.69
C THR C 31 -3.61 6.45 58.84
N LYS C 32 -4.77 5.82 59.03
CA LYS C 32 -4.93 4.34 59.10
C LYS C 32 -4.43 3.68 57.80
N MET C 33 -4.78 4.26 56.64
CA MET C 33 -4.35 3.77 55.30
C MET C 33 -2.81 3.75 55.25
N ARG C 34 -2.16 4.83 55.70
CA ARG C 34 -0.68 4.98 55.65
C ARG C 34 -0.04 3.80 56.42
N ALA C 35 -0.55 3.51 57.61
CA ALA C 35 -0.05 2.44 58.51
C ALA C 35 -0.25 1.06 57.86
N ALA C 36 -1.44 0.81 57.32
CA ALA C 36 -1.82 -0.47 56.65
C ALA C 36 -0.89 -0.72 55.46
N ALA C 37 -0.53 0.33 54.70
CA ALA C 37 0.31 0.26 53.48
C ALA C 37 1.77 -0.06 53.84
N LEU C 38 2.29 0.52 54.93
CA LEU C 38 3.70 0.30 55.35
C LEU C 38 3.84 -1.10 55.96
N ASP C 39 2.82 -1.60 56.65
CA ASP C 39 2.77 -2.99 57.20
C ASP C 39 2.69 -3.99 56.04
N ALA C 40 1.83 -3.74 55.04
CA ALA C 40 1.65 -4.58 53.84
C ALA C 40 3.00 -4.73 53.12
N GLN C 41 3.72 -3.62 52.92
CA GLN C 41 5.07 -3.58 52.29
C GLN C 41 5.97 -4.71 52.83
N LYS C 42 5.92 -4.94 54.15
CA LYS C 42 6.81 -5.89 54.88
C LYS C 42 6.45 -7.34 54.56
N ALA C 43 5.24 -7.59 54.03
CA ALA C 43 4.68 -8.94 53.79
C ALA C 43 5.16 -9.48 52.43
N THR C 44 4.82 -10.74 52.16
CA THR C 44 5.09 -11.46 50.88
C THR C 44 3.80 -12.12 50.42
N PRO C 45 3.27 -11.74 49.23
CA PRO C 45 2.00 -12.29 48.73
C PRO C 45 2.14 -13.75 48.33
N PRO C 46 1.01 -14.51 48.34
CA PRO C 46 1.05 -15.98 48.23
C PRO C 46 1.83 -16.57 47.05
N LYS C 47 1.76 -15.95 45.87
CA LYS C 47 2.38 -16.48 44.62
C LYS C 47 3.91 -16.38 44.71
N LEU C 48 4.43 -15.40 45.46
CA LEU C 48 5.86 -15.04 45.53
C LEU C 48 6.47 -15.51 46.85
N GLU C 49 5.80 -16.42 47.58
CA GLU C 49 6.21 -16.87 48.94
C GLU C 49 7.66 -17.35 48.94
N ASP C 50 8.06 -18.14 47.93
CA ASP C 50 9.41 -18.78 47.86
C ASP C 50 10.26 -18.09 46.78
N LYS C 51 9.98 -16.82 46.46
CA LYS C 51 10.84 -15.99 45.55
C LYS C 51 11.98 -15.37 46.38
N SER C 52 12.87 -14.64 45.72
CA SER C 52 13.96 -13.83 46.35
C SER C 52 13.38 -12.52 46.86
N PRO C 53 13.85 -11.99 48.03
CA PRO C 53 13.45 -10.67 48.49
C PRO C 53 13.87 -9.50 47.54
N ASP C 54 14.82 -9.82 46.60
CA ASP C 54 15.30 -8.87 45.55
C ASP C 54 14.78 -9.27 44.15
N SER C 55 13.75 -10.11 44.07
CA SER C 55 13.12 -10.53 42.79
C SER C 55 12.42 -9.32 42.17
N PRO C 56 12.51 -9.11 40.85
CA PRO C 56 11.83 -7.99 40.20
C PRO C 56 10.33 -7.86 40.56
N GLU C 57 9.67 -8.98 40.87
CA GLU C 57 8.24 -9.02 41.30
C GLU C 57 8.11 -8.52 42.74
N MET C 58 9.04 -8.88 43.63
CA MET C 58 9.03 -8.49 45.07
C MET C 58 9.26 -6.99 45.22
N LYS C 59 10.22 -6.43 44.49
CA LYS C 59 10.50 -4.97 44.44
C LYS C 59 9.22 -4.24 44.02
N ASP C 60 8.63 -4.67 42.90
CA ASP C 60 7.41 -4.07 42.30
C ASP C 60 6.27 -4.10 43.31
N PHE C 61 6.05 -5.24 43.97
CA PHE C 61 5.03 -5.44 45.03
C PHE C 61 5.18 -4.35 46.11
N ARG C 62 6.40 -4.18 46.62
CA ARG C 62 6.76 -3.17 47.64
C ARG C 62 6.63 -1.78 47.03
N HIS C 63 7.07 -1.60 45.78
CA HIS C 63 7.02 -0.33 45.03
C HIS C 63 5.59 0.22 44.97
N GLY C 64 4.60 -0.67 44.77
CA GLY C 64 3.16 -0.31 44.74
C GLY C 64 2.78 0.49 45.98
N PHE C 65 3.29 0.09 47.14
CA PHE C 65 3.01 0.72 48.46
C PHE C 65 3.82 2.02 48.61
N ASP C 66 5.02 2.11 48.03
CA ASP C 66 5.78 3.40 47.97
C ASP C 66 4.91 4.46 47.26
N ILE C 67 4.29 4.09 46.13
CA ILE C 67 3.40 4.98 45.34
C ILE C 67 2.22 5.37 46.23
N LEU C 68 1.54 4.38 46.83
CA LEU C 68 0.34 4.59 47.68
C LEU C 68 0.67 5.58 48.80
N VAL C 69 1.76 5.35 49.55
CA VAL C 69 2.17 6.17 50.73
C VAL C 69 2.36 7.63 50.29
N GLY C 70 3.07 7.86 49.18
CA GLY C 70 3.31 9.18 48.58
C GLY C 70 2.01 9.88 48.20
N GLN C 71 1.01 9.11 47.74
CA GLN C 71 -0.35 9.61 47.40
C GLN C 71 -1.11 9.89 48.70
N ILE C 72 -1.01 9.01 49.70
CA ILE C 72 -1.67 9.22 51.03
C ILE C 72 -1.09 10.50 51.64
N ASP C 73 0.21 10.75 51.46
CA ASP C 73 0.93 11.94 52.00
C ASP C 73 0.37 13.22 51.37
N ASP C 74 0.24 13.25 50.04
CA ASP C 74 -0.29 14.41 49.26
C ASP C 74 -1.72 14.74 49.73
N ALA C 75 -2.55 13.72 49.97
CA ALA C 75 -3.95 13.86 50.43
C ALA C 75 -3.97 14.28 51.92
N LEU C 76 -3.08 13.73 52.75
CA LEU C 76 -2.95 14.08 54.19
C LEU C 76 -2.61 15.57 54.34
N LYS C 77 -1.73 16.10 53.49
CA LYS C 77 -1.40 17.55 53.44
C LYS C 77 -2.70 18.35 53.21
N LEU C 78 -3.49 17.97 52.19
CA LEU C 78 -4.78 18.65 51.85
C LEU C 78 -5.74 18.54 53.04
N ALA C 79 -5.92 17.35 53.59
CA ALA C 79 -6.89 17.06 54.68
C ALA C 79 -6.48 17.82 55.95
N ASN C 80 -5.17 17.99 56.18
CA ASN C 80 -4.61 18.73 57.35
C ASN C 80 -4.91 20.24 57.21
N GLU C 81 -5.14 20.73 55.99
CA GLU C 81 -5.51 22.14 55.71
C GLU C 81 -7.03 22.31 55.72
N GLY C 82 -7.79 21.24 55.98
CA GLY C 82 -9.27 21.25 56.05
C GLY C 82 -9.94 21.13 54.69
N LYS C 83 -9.17 20.79 53.65
CA LYS C 83 -9.64 20.76 52.24
C LYS C 83 -10.20 19.37 51.91
N VAL C 84 -11.52 19.19 52.08
CA VAL C 84 -12.22 17.88 51.98
C VAL C 84 -12.28 17.43 50.50
N LYS C 85 -12.81 18.28 49.61
CA LYS C 85 -13.03 17.95 48.18
C LYS C 85 -11.69 17.68 47.49
N GLU C 86 -10.67 18.51 47.77
CA GLU C 86 -9.31 18.41 47.18
C GLU C 86 -8.70 17.06 47.58
N ALA C 87 -8.87 16.71 48.86
CA ALA C 87 -8.39 15.44 49.45
C ALA C 87 -9.13 14.27 48.80
N GLN C 88 -10.45 14.37 48.65
CA GLN C 88 -11.31 13.31 48.07
C GLN C 88 -10.88 13.05 46.62
N ALA C 89 -10.54 14.10 45.86
CA ALA C 89 -10.03 13.99 44.46
C ALA C 89 -8.67 13.30 44.48
N ALA C 90 -7.79 13.67 45.41
CA ALA C 90 -6.46 13.04 45.60
C ALA C 90 -6.65 11.55 45.94
N ALA C 91 -7.61 11.22 46.81
CA ALA C 91 -7.92 9.83 47.23
C ALA C 91 -8.42 9.03 46.02
N GLU C 92 -9.06 9.72 45.07
CA GLU C 92 -9.50 9.16 43.77
C GLU C 92 -8.30 8.56 43.03
N GLN C 93 -7.17 9.26 43.02
CA GLN C 93 -5.94 8.81 42.31
C GLN C 93 -5.33 7.61 43.05
N LEU C 94 -5.63 7.46 44.36
CA LEU C 94 -5.21 6.30 45.18
C LEU C 94 -5.88 5.02 44.65
N LYS C 95 -7.16 5.09 44.30
CA LYS C 95 -7.94 3.90 43.81
C LYS C 95 -7.23 3.30 42.60
N THR C 96 -6.79 4.17 41.67
CA THR C 96 -6.08 3.79 40.43
C THR C 96 -4.82 3.00 40.78
N THR C 97 -4.08 3.43 41.80
CA THR C 97 -2.86 2.72 42.29
C THR C 97 -3.28 1.37 42.91
N ARG C 98 -4.25 1.40 43.83
CA ARG C 98 -4.82 0.18 44.46
C ARG C 98 -5.15 -0.85 43.36
N ASN C 99 -6.03 -0.48 42.41
CA ASN C 99 -6.56 -1.38 41.35
C ASN C 99 -5.39 -1.99 40.55
N ALA C 100 -4.32 -1.21 40.33
CA ALA C 100 -3.15 -1.64 39.53
C ALA C 100 -2.30 -2.68 40.28
N TYR C 101 -2.43 -2.79 41.63
CA TYR C 101 -1.53 -3.63 42.47
C TYR C 101 -2.29 -4.64 43.36
N ILE C 102 -3.60 -4.46 43.58
CA ILE C 102 -4.41 -5.28 44.53
C ILE C 102 -4.23 -6.79 44.27
N GLN C 103 -4.36 -7.25 43.03
CA GLN C 103 -4.40 -8.70 42.71
C GLN C 103 -3.33 -9.06 41.67
N LYS C 104 -2.43 -8.12 41.35
CA LYS C 104 -1.26 -8.34 40.45
C LYS C 104 -0.42 -9.51 41.00
N TYR C 105 -0.49 -9.73 42.31
CA TYR C 105 0.21 -10.82 43.05
C TYR C 105 -0.77 -11.49 44.00
N ASP D 1 -2.98 2.28 -28.28
CA ASP D 1 -2.65 0.86 -28.58
C ASP D 1 -3.88 0.00 -28.26
N ILE D 2 -4.02 -1.13 -28.95
CA ILE D 2 -5.20 -2.02 -28.82
C ILE D 2 -5.04 -2.86 -27.55
N VAL D 3 -6.05 -2.86 -26.69
CA VAL D 3 -6.05 -3.59 -25.38
C VAL D 3 -6.88 -4.86 -25.57
N LEU D 4 -6.32 -6.02 -25.24
CA LEU D 4 -7.03 -7.32 -25.26
C LEU D 4 -7.42 -7.68 -23.83
N THR D 5 -8.69 -8.05 -23.65
CA THR D 5 -9.31 -8.36 -22.34
C THR D 5 -9.78 -9.82 -22.36
N GLN D 6 -9.23 -10.62 -21.45
CA GLN D 6 -9.50 -12.08 -21.35
C GLN D 6 -10.32 -12.33 -20.08
N SER D 7 -11.50 -12.94 -20.26
CA SER D 7 -12.41 -13.37 -19.17
C SER D 7 -12.62 -14.88 -19.25
N PRO D 8 -12.77 -15.56 -18.09
CA PRO D 8 -12.42 -14.96 -16.79
C PRO D 8 -10.90 -15.09 -16.65
N ALA D 9 -10.30 -14.41 -15.67
CA ALA D 9 -8.86 -14.51 -15.35
C ALA D 9 -8.52 -15.98 -15.08
N THR D 10 -9.41 -16.69 -14.40
CA THR D 10 -9.26 -18.12 -14.00
C THR D 10 -10.53 -18.87 -14.38
N LEU D 11 -10.38 -20.05 -15.01
CA LEU D 11 -11.50 -20.93 -15.42
C LEU D 11 -11.32 -22.30 -14.76
N SER D 12 -12.28 -22.69 -13.90
CA SER D 12 -12.30 -24.00 -13.19
C SER D 12 -13.14 -24.98 -14.02
N VAL D 13 -12.52 -26.05 -14.51
CA VAL D 13 -13.19 -27.06 -15.38
C VAL D 13 -13.06 -28.46 -14.78
N THR D 14 -14.08 -29.29 -15.05
CA THR D 14 -14.08 -30.75 -14.88
C THR D 14 -13.59 -31.36 -16.20
N PRO D 15 -12.62 -32.29 -16.17
CA PRO D 15 -12.18 -32.96 -17.40
C PRO D 15 -13.36 -33.49 -18.21
N GLY D 16 -13.31 -33.36 -19.54
CA GLY D 16 -14.35 -33.85 -20.47
C GLY D 16 -15.39 -32.79 -20.78
N ASP D 17 -15.50 -31.75 -19.94
CA ASP D 17 -16.47 -30.64 -20.11
C ASP D 17 -16.11 -29.81 -21.35
N ARG D 18 -17.10 -29.09 -21.90
CA ARG D 18 -16.95 -28.11 -23.01
C ARG D 18 -16.69 -26.73 -22.40
N VAL D 19 -15.54 -26.13 -22.70
CA VAL D 19 -15.10 -24.83 -22.10
C VAL D 19 -14.90 -23.81 -23.23
N SER D 20 -15.24 -22.53 -22.96
CA SER D 20 -15.06 -21.36 -23.85
C SER D 20 -14.21 -20.30 -23.14
N LEU D 21 -13.19 -19.78 -23.82
CA LEU D 21 -12.27 -18.72 -23.31
C LEU D 21 -12.53 -17.43 -24.11
N SER D 22 -12.78 -16.31 -23.44
CA SER D 22 -13.17 -15.01 -24.03
C SER D 22 -11.94 -14.11 -24.22
N CYS D 23 -11.84 -13.43 -25.37
CA CYS D 23 -10.85 -12.35 -25.65
C CYS D 23 -11.57 -11.22 -26.39
N ARG D 24 -11.67 -10.04 -25.76
CA ARG D 24 -12.33 -8.86 -26.37
CA ARG D 24 -12.33 -8.85 -26.37
C ARG D 24 -11.28 -7.76 -26.61
N ALA D 25 -11.32 -7.16 -27.80
CA ALA D 25 -10.41 -6.08 -28.24
C ALA D 25 -11.12 -4.73 -28.04
N SER D 26 -10.35 -3.68 -27.73
CA SER D 26 -10.82 -2.29 -27.47
C SER D 26 -11.19 -1.60 -28.80
N GLN D 27 -10.88 -2.24 -29.93
CA GLN D 27 -11.30 -1.78 -31.28
C GLN D 27 -11.10 -2.94 -32.24
N SER D 28 -11.69 -2.88 -33.43
CA SER D 28 -11.68 -3.99 -34.41
C SER D 28 -10.24 -4.39 -34.70
N VAL D 29 -9.98 -5.69 -34.60
CA VAL D 29 -8.67 -6.30 -35.00
C VAL D 29 -8.94 -7.26 -36.17
N SER D 30 -10.13 -7.15 -36.78
CA SER D 30 -10.55 -8.00 -37.93
C SER D 30 -10.47 -9.47 -37.55
N ASN D 31 -9.81 -10.29 -38.39
CA ASN D 31 -9.35 -11.67 -37.94
CA ASN D 31 -9.35 -11.67 -37.94
C ASN D 31 -7.93 -11.86 -37.22
N TYR D 32 -7.20 -10.74 -37.19
CA TYR D 32 -5.76 -10.75 -36.82
C TYR D 32 -5.62 -11.04 -35.33
N LEU D 33 -6.19 -12.17 -34.88
CA LEU D 33 -6.16 -12.59 -33.46
C LEU D 33 -5.75 -14.06 -33.35
N HIS D 34 -4.69 -14.32 -32.58
CA HIS D 34 -4.02 -15.64 -32.42
C HIS D 34 -4.13 -16.12 -30.97
N TRP D 35 -4.18 -17.43 -30.75
CA TRP D 35 -4.35 -18.07 -29.42
C TRP D 35 -3.10 -18.92 -29.12
N TYR D 36 -2.57 -18.78 -27.90
CA TYR D 36 -1.35 -19.50 -27.42
C TYR D 36 -1.62 -20.18 -26.08
N GLN D 37 -1.00 -21.35 -25.91
CA GLN D 37 -0.98 -22.11 -24.63
C GLN D 37 0.43 -21.97 -24.03
N GLN D 38 0.53 -21.80 -22.71
CA GLN D 38 1.80 -21.81 -21.94
C GLN D 38 1.56 -22.55 -20.63
N LYS D 39 2.13 -23.75 -20.48
CA LYS D 39 1.96 -24.58 -19.25
C LYS D 39 2.69 -23.96 -18.05
N SER D 40 3.94 -23.54 -18.26
CA SER D 40 4.76 -22.89 -17.19
C SER D 40 5.37 -21.61 -17.74
N HIS D 41 6.69 -21.55 -17.83
CA HIS D 41 7.36 -20.35 -18.39
C HIS D 41 8.01 -20.66 -19.74
N GLU D 42 7.73 -21.84 -20.29
CA GLU D 42 8.28 -22.30 -21.59
C GLU D 42 7.60 -21.52 -22.73
N SER D 43 8.15 -21.57 -23.95
CA SER D 43 7.69 -20.76 -25.10
C SER D 43 6.21 -21.03 -25.37
N PRO D 44 5.39 -19.98 -25.60
CA PRO D 44 3.97 -20.17 -25.92
C PRO D 44 3.76 -21.02 -27.17
N ARG D 45 2.74 -21.90 -27.13
CA ARG D 45 2.40 -22.88 -28.21
C ARG D 45 1.19 -22.35 -28.98
N LEU D 46 1.39 -21.99 -30.25
CA LEU D 46 0.34 -21.48 -31.17
C LEU D 46 -0.74 -22.56 -31.33
N LEU D 47 -2.00 -22.24 -31.03
CA LEU D 47 -3.15 -23.20 -31.08
C LEU D 47 -4.05 -22.90 -32.28
N ILE D 48 -4.36 -21.62 -32.49
CA ILE D 48 -5.27 -21.07 -33.54
C ILE D 48 -4.62 -19.80 -34.09
N LYS D 49 -4.55 -19.65 -35.41
CA LYS D 49 -4.12 -18.39 -36.06
C LYS D 49 -5.29 -17.76 -36.81
N TYR D 50 -5.25 -16.43 -36.94
CA TYR D 50 -6.26 -15.66 -37.70
C TYR D 50 -7.67 -16.02 -37.23
N ALA D 51 -7.84 -16.09 -35.91
CA ALA D 51 -9.11 -16.29 -35.19
C ALA D 51 -9.68 -17.72 -35.24
N SER D 52 -9.78 -18.33 -36.42
CA SER D 52 -10.43 -19.67 -36.53
C SER D 52 -9.65 -20.67 -37.38
N GLN D 53 -8.42 -20.39 -37.78
CA GLN D 53 -7.65 -21.31 -38.66
CA GLN D 53 -7.66 -21.31 -38.67
C GLN D 53 -6.90 -22.30 -37.78
N SER D 54 -7.11 -23.60 -38.01
CA SER D 54 -6.49 -24.70 -37.22
C SER D 54 -4.99 -24.76 -37.57
N ILE D 55 -4.21 -25.33 -36.65
CA ILE D 55 -2.74 -25.55 -36.81
C ILE D 55 -2.52 -27.05 -36.93
N SER D 56 -1.72 -27.47 -37.92
CA SER D 56 -1.29 -28.89 -38.07
C SER D 56 -0.78 -29.40 -36.72
N GLY D 57 -1.36 -30.49 -36.22
CA GLY D 57 -0.83 -31.24 -35.06
C GLY D 57 -1.36 -30.74 -33.72
N ILE D 58 -2.18 -29.70 -33.72
CA ILE D 58 -2.99 -29.28 -32.53
C ILE D 58 -4.24 -30.17 -32.52
N PRO D 59 -4.55 -30.84 -31.38
CA PRO D 59 -5.70 -31.75 -31.30
C PRO D 59 -7.01 -31.06 -31.73
N SER D 60 -7.88 -31.81 -32.39
CA SER D 60 -9.09 -31.27 -33.07
C SER D 60 -10.05 -30.64 -32.05
N ARG D 61 -9.92 -30.95 -30.75
CA ARG D 61 -10.86 -30.47 -29.69
C ARG D 61 -10.76 -28.95 -29.55
N PHE D 62 -9.67 -28.34 -30.02
CA PHE D 62 -9.43 -26.87 -30.01
C PHE D 62 -9.95 -26.22 -31.29
N SER D 63 -10.75 -25.18 -31.15
CA SER D 63 -11.30 -24.39 -32.28
C SER D 63 -11.46 -22.94 -31.84
N GLY D 64 -11.33 -22.00 -32.79
CA GLY D 64 -11.51 -20.56 -32.54
C GLY D 64 -12.64 -20.01 -33.36
N SER D 65 -13.25 -18.94 -32.89
CA SER D 65 -14.31 -18.19 -33.62
C SER D 65 -14.27 -16.72 -33.24
N GLY D 66 -14.93 -15.89 -34.03
CA GLY D 66 -15.07 -14.44 -33.83
C GLY D 66 -14.33 -13.63 -34.89
N SER D 67 -14.64 -12.34 -34.93
CA SER D 67 -13.87 -11.29 -35.65
C SER D 67 -14.37 -9.96 -35.12
N GLY D 68 -13.65 -8.88 -35.42
CA GLY D 68 -13.93 -7.53 -34.91
C GLY D 68 -13.36 -7.37 -33.52
N THR D 69 -14.21 -7.51 -32.49
CA THR D 69 -13.85 -7.19 -31.09
C THR D 69 -14.05 -8.43 -30.20
N ASP D 70 -14.87 -9.40 -30.59
CA ASP D 70 -15.32 -10.53 -29.72
C ASP D 70 -14.81 -11.87 -30.29
N PHE D 71 -13.95 -12.56 -29.52
CA PHE D 71 -13.26 -13.82 -29.91
C PHE D 71 -13.46 -14.89 -28.84
N THR D 72 -13.53 -16.16 -29.25
CA THR D 72 -13.72 -17.34 -28.38
C THR D 72 -12.75 -18.46 -28.81
N LEU D 73 -11.99 -19.01 -27.87
CA LEU D 73 -11.29 -20.31 -28.04
C LEU D 73 -12.10 -21.38 -27.31
N SER D 74 -12.58 -22.41 -28.01
CA SER D 74 -13.42 -23.48 -27.44
C SER D 74 -12.57 -24.75 -27.34
N ILE D 75 -12.79 -25.53 -26.27
CA ILE D 75 -12.22 -26.90 -26.07
C ILE D 75 -13.40 -27.85 -25.90
N ASN D 76 -13.64 -28.69 -26.90
CA ASN D 76 -14.82 -29.61 -27.05
C ASN D 76 -14.88 -30.58 -25.87
N SER D 77 -13.73 -31.10 -25.44
CA SER D 77 -13.63 -32.04 -24.29
C SER D 77 -12.26 -31.83 -23.64
N VAL D 78 -12.19 -30.94 -22.65
CA VAL D 78 -10.91 -30.50 -22.01
C VAL D 78 -10.30 -31.71 -21.32
N GLU D 79 -8.99 -31.87 -21.45
CA GLU D 79 -8.19 -32.97 -20.82
C GLU D 79 -7.21 -32.33 -19.84
N THR D 80 -6.66 -33.14 -18.92
CA THR D 80 -5.67 -32.72 -17.89
C THR D 80 -4.52 -31.93 -18.54
N GLU D 81 -4.07 -32.34 -19.73
CA GLU D 81 -2.91 -31.72 -20.42
C GLU D 81 -3.26 -30.33 -20.95
N ASP D 82 -4.52 -29.90 -20.84
CA ASP D 82 -4.95 -28.55 -21.33
C ASP D 82 -4.86 -27.52 -20.20
N PHE D 83 -4.60 -27.95 -18.96
CA PHE D 83 -4.43 -27.02 -17.81
C PHE D 83 -3.21 -26.14 -18.06
N GLY D 84 -3.34 -24.84 -17.79
CA GLY D 84 -2.26 -23.85 -17.93
C GLY D 84 -2.80 -22.52 -18.41
N MET D 85 -1.91 -21.67 -18.93
CA MET D 85 -2.23 -20.28 -19.33
C MET D 85 -2.62 -20.28 -20.81
N TYR D 86 -3.57 -19.42 -21.17
CA TYR D 86 -4.02 -19.20 -22.56
C TYR D 86 -4.01 -17.70 -22.83
N PHE D 87 -3.28 -17.27 -23.87
CA PHE D 87 -3.13 -15.85 -24.26
C PHE D 87 -3.69 -15.62 -25.67
N CYS D 88 -4.38 -14.50 -25.85
CA CYS D 88 -4.72 -13.97 -27.19
C CYS D 88 -3.72 -12.87 -27.56
N GLN D 89 -3.51 -12.67 -28.86
CA GLN D 89 -2.54 -11.71 -29.41
C GLN D 89 -3.13 -11.16 -30.72
N GLN D 90 -3.12 -9.83 -30.89
CA GLN D 90 -3.56 -9.18 -32.15
C GLN D 90 -2.32 -8.82 -32.98
N SER D 91 -2.43 -8.94 -34.30
CA SER D 91 -1.42 -8.49 -35.30
C SER D 91 -2.11 -7.60 -36.35
N ASN D 92 -3.17 -6.90 -35.94
CA ASN D 92 -3.94 -5.93 -36.77
C ASN D 92 -3.06 -4.71 -37.05
N SER D 93 -2.47 -4.15 -36.00
CA SER D 93 -1.65 -2.91 -36.07
C SER D 93 -0.62 -2.91 -34.94
N TRP D 94 0.51 -2.22 -35.16
CA TRP D 94 1.57 -2.00 -34.15
C TRP D 94 1.04 -1.08 -33.07
N PRO D 95 1.40 -1.26 -31.78
CA PRO D 95 2.21 -2.40 -31.34
C PRO D 95 1.39 -3.70 -31.26
N LEU D 96 2.02 -4.83 -31.60
CA LEU D 96 1.50 -6.17 -31.24
C LEU D 96 1.18 -6.15 -29.74
N THR D 97 0.05 -6.70 -29.33
CA THR D 97 -0.35 -6.74 -27.90
C THR D 97 -0.98 -8.10 -27.57
N PHE D 98 -0.89 -8.51 -26.32
CA PHE D 98 -1.46 -9.77 -25.79
C PHE D 98 -2.44 -9.44 -24.66
N GLY D 99 -3.42 -10.32 -24.44
CA GLY D 99 -4.23 -10.35 -23.22
C GLY D 99 -3.39 -10.74 -22.02
N ALA D 100 -3.89 -10.47 -20.82
CA ALA D 100 -3.24 -10.77 -19.52
C ALA D 100 -3.26 -12.29 -19.26
N GLY D 101 -4.15 -13.02 -19.93
CA GLY D 101 -4.19 -14.49 -19.91
C GLY D 101 -5.36 -15.01 -19.10
N THR D 102 -5.84 -16.21 -19.44
CA THR D 102 -6.86 -16.99 -18.70
C THR D 102 -6.21 -18.30 -18.25
N LYS D 103 -6.19 -18.56 -16.94
CA LYS D 103 -5.66 -19.83 -16.38
C LYS D 103 -6.78 -20.87 -16.38
N LEU D 104 -6.54 -22.01 -17.02
CA LEU D 104 -7.46 -23.18 -17.05
C LEU D 104 -6.94 -24.18 -16.02
N GLU D 105 -7.75 -24.52 -15.00
CA GLU D 105 -7.32 -25.42 -13.89
C GLU D 105 -8.44 -26.41 -13.54
N LEU D 106 -8.07 -27.45 -12.80
CA LEU D 106 -8.99 -28.50 -12.31
C LEU D 106 -9.96 -27.87 -11.32
N ARG D 107 -11.25 -28.20 -11.46
CA ARG D 107 -12.32 -27.76 -10.54
C ARG D 107 -12.34 -28.66 -9.30
N ARG D 108 -12.65 -28.05 -8.15
CA ARG D 108 -13.02 -28.73 -6.89
C ARG D 108 -14.09 -27.85 -6.23
N ALA D 109 -14.74 -28.34 -5.18
CA ALA D 109 -15.77 -27.60 -4.40
C ALA D 109 -15.14 -26.34 -3.82
N ASP D 110 -15.91 -25.25 -3.77
CA ASP D 110 -15.53 -23.98 -3.09
C ASP D 110 -15.17 -24.34 -1.64
N ALA D 111 -14.23 -23.61 -1.05
CA ALA D 111 -13.70 -23.86 0.31
C ALA D 111 -13.25 -22.54 0.93
N ALA D 112 -13.80 -22.21 2.09
CA ALA D 112 -13.43 -21.03 2.91
C ALA D 112 -11.98 -21.21 3.39
N PRO D 113 -11.19 -20.13 3.44
CA PRO D 113 -9.82 -20.22 3.95
C PRO D 113 -9.83 -20.45 5.47
N THR D 114 -8.87 -21.23 5.96
CA THR D 114 -8.46 -21.22 7.39
C THR D 114 -7.45 -20.09 7.54
N VAL D 115 -7.79 -19.06 8.31
CA VAL D 115 -6.97 -17.83 8.51
C VAL D 115 -6.22 -17.94 9.84
N SER D 116 -4.93 -17.59 9.83
CA SER D 116 -4.05 -17.48 11.02
C SER D 116 -3.28 -16.17 10.95
N ILE D 117 -3.18 -15.46 12.08
CA ILE D 117 -2.33 -14.24 12.20
C ILE D 117 -1.19 -14.53 13.18
N PHE D 118 -0.01 -13.99 12.88
CA PHE D 118 1.25 -14.14 13.67
C PHE D 118 1.87 -12.77 13.90
N PRO D 119 1.94 -12.30 15.17
CA PRO D 119 2.74 -11.12 15.51
C PRO D 119 4.20 -11.31 15.14
N PRO D 120 5.00 -10.22 15.07
CA PRO D 120 6.44 -10.34 14.91
C PRO D 120 7.04 -11.28 15.99
N SER D 121 8.11 -12.00 15.65
CA SER D 121 8.95 -12.75 16.62
C SER D 121 9.67 -11.75 17.52
N SER D 122 10.05 -12.15 18.73
CA SER D 122 10.88 -11.33 19.65
C SER D 122 12.23 -11.06 18.99
N GLU D 123 12.76 -12.03 18.22
CA GLU D 123 14.08 -11.95 17.54
C GLU D 123 14.07 -10.81 16.51
N GLN D 124 13.05 -10.76 15.64
CA GLN D 124 12.94 -9.72 14.58
C GLN D 124 12.82 -8.33 15.22
N LEU D 125 12.02 -8.21 16.27
CA LEU D 125 11.81 -6.94 17.03
C LEU D 125 13.15 -6.45 17.57
N THR D 126 13.96 -7.33 18.18
CA THR D 126 15.31 -6.99 18.72
C THR D 126 16.18 -6.42 17.58
N SER D 127 15.99 -6.91 16.35
CA SER D 127 16.77 -6.50 15.15
C SER D 127 16.31 -5.11 14.68
N GLY D 128 15.09 -4.71 14.99
CA GLY D 128 14.50 -3.41 14.60
C GLY D 128 13.43 -3.54 13.53
N GLY D 129 12.95 -4.77 13.26
CA GLY D 129 11.90 -5.06 12.26
C GLY D 129 10.62 -5.56 12.90
N ALA D 130 9.49 -5.48 12.20
CA ALA D 130 8.17 -5.96 12.64
C ALA D 130 7.33 -6.35 11.43
N SER D 131 7.41 -7.62 11.04
CA SER D 131 6.56 -8.25 10.01
C SER D 131 5.36 -8.89 10.71
N VAL D 132 4.14 -8.53 10.30
CA VAL D 132 2.91 -9.25 10.74
C VAL D 132 2.56 -10.20 9.60
N VAL D 133 2.34 -11.48 9.90
CA VAL D 133 2.04 -12.53 8.89
C VAL D 133 0.62 -13.05 9.09
N CYS D 134 -0.13 -13.15 8.00
CA CYS D 134 -1.45 -13.80 7.93
C CYS D 134 -1.34 -14.95 6.91
N PHE D 135 -1.64 -16.18 7.33
CA PHE D 135 -1.82 -17.34 6.41
C PHE D 135 -3.31 -17.50 6.14
N LEU D 136 -3.67 -17.71 4.87
CA LEU D 136 -5.03 -18.13 4.45
C LEU D 136 -4.88 -19.49 3.74
N ASN D 137 -5.19 -20.57 4.44
CA ASN D 137 -4.82 -21.95 4.06
C ASN D 137 -6.03 -22.69 3.48
N ASN D 138 -5.82 -23.44 2.39
CA ASN D 138 -6.66 -24.59 1.95
C ASN D 138 -8.03 -24.12 1.47
N PHE D 139 -8.07 -23.08 0.62
CA PHE D 139 -9.32 -22.44 0.12
C PHE D 139 -9.41 -22.62 -1.40
N TYR D 140 -10.62 -22.44 -1.94
CA TYR D 140 -10.91 -22.46 -3.40
C TYR D 140 -12.20 -21.69 -3.68
N PRO D 141 -12.29 -20.90 -4.77
CA PRO D 141 -11.19 -20.69 -5.72
C PRO D 141 -10.12 -19.70 -5.22
N LYS D 142 -9.17 -19.37 -6.09
CA LYS D 142 -7.92 -18.62 -5.78
C LYS D 142 -8.22 -17.16 -5.46
N ASP D 143 -9.16 -16.56 -6.19
CA ASP D 143 -9.65 -15.18 -5.96
C ASP D 143 -9.91 -14.99 -4.47
N ILE D 144 -9.14 -14.12 -3.80
CA ILE D 144 -9.35 -13.73 -2.38
C ILE D 144 -8.86 -12.30 -2.20
N ASN D 145 -9.49 -11.55 -1.29
CA ASN D 145 -9.10 -10.19 -0.87
C ASN D 145 -8.61 -10.26 0.58
N VAL D 146 -7.39 -9.80 0.84
CA VAL D 146 -6.88 -9.61 2.22
C VAL D 146 -6.84 -8.11 2.49
N LYS D 147 -7.42 -7.72 3.63
CA LYS D 147 -7.52 -6.32 4.12
C LYS D 147 -6.80 -6.27 5.47
N TRP D 148 -5.73 -5.49 5.57
CA TRP D 148 -5.03 -5.25 6.86
C TRP D 148 -5.66 -4.04 7.56
N LYS D 149 -5.97 -4.19 8.85
CA LYS D 149 -6.55 -3.12 9.70
C LYS D 149 -5.66 -2.96 10.93
N ILE D 150 -5.25 -1.71 11.20
CA ILE D 150 -4.37 -1.30 12.33
C ILE D 150 -5.15 -0.28 13.18
N ASP D 151 -5.58 -0.71 14.38
CA ASP D 151 -6.54 0.04 15.24
C ASP D 151 -7.81 0.33 14.44
N GLY D 152 -8.20 -0.59 13.55
CA GLY D 152 -9.46 -0.56 12.78
C GLY D 152 -9.39 0.29 11.54
N SER D 153 -8.20 0.81 11.18
CA SER D 153 -7.97 1.65 9.97
C SER D 153 -7.19 0.86 8.91
N GLU D 154 -7.80 0.67 7.74
CA GLU D 154 -7.19 0.02 6.54
C GLU D 154 -5.78 0.56 6.29
N ARG D 155 -4.78 -0.33 6.20
CA ARG D 155 -3.40 0.03 5.78
CA ARG D 155 -3.39 0.01 5.79
C ARG D 155 -3.12 -0.62 4.42
N GLN D 156 -2.74 0.22 3.44
CA GLN D 156 -2.53 -0.16 2.02
C GLN D 156 -1.06 -0.49 1.75
N ASN D 157 -0.14 0.08 2.54
CA ASN D 157 1.32 0.18 2.22
C ASN D 157 2.07 -0.99 2.87
N GLY D 158 3.10 -1.51 2.18
CA GLY D 158 4.08 -2.48 2.72
C GLY D 158 3.47 -3.86 2.96
N VAL D 159 2.43 -4.22 2.20
CA VAL D 159 1.79 -5.56 2.18
C VAL D 159 2.33 -6.32 0.95
N LEU D 160 2.80 -7.55 1.13
CA LEU D 160 3.24 -8.45 0.03
C LEU D 160 2.54 -9.80 0.16
N ASN D 161 1.80 -10.18 -0.88
CA ASN D 161 0.94 -11.39 -0.92
C ASN D 161 1.60 -12.44 -1.83
N SER D 162 1.64 -13.69 -1.39
CA SER D 162 2.19 -14.85 -2.15
C SER D 162 1.25 -16.06 -2.07
N TRP D 163 0.86 -16.60 -3.22
CA TRP D 163 -0.03 -17.79 -3.36
C TRP D 163 0.84 -19.01 -3.69
N THR D 164 0.46 -20.18 -3.16
CA THR D 164 1.00 -21.49 -3.59
C THR D 164 0.39 -21.83 -4.95
N ASP D 165 1.00 -22.73 -5.69
CA ASP D 165 0.37 -23.37 -6.88
C ASP D 165 -0.79 -24.22 -6.36
N GLN D 166 -1.81 -24.42 -7.19
CA GLN D 166 -2.93 -25.35 -6.89
C GLN D 166 -2.33 -26.68 -6.41
N ASP D 167 -2.79 -27.20 -5.27
CA ASP D 167 -2.20 -28.41 -4.63
C ASP D 167 -2.47 -29.64 -5.50
N SER D 168 -1.46 -30.49 -5.71
CA SER D 168 -1.54 -31.68 -6.60
C SER D 168 -2.48 -32.75 -6.00
N LYS D 169 -2.63 -32.78 -4.67
CA LYS D 169 -3.46 -33.78 -3.92
C LYS D 169 -4.91 -33.31 -3.84
N ASP D 170 -5.17 -32.11 -3.30
CA ASP D 170 -6.52 -31.66 -2.91
C ASP D 170 -6.99 -30.41 -3.68
N SER D 171 -6.20 -29.91 -4.65
CA SER D 171 -6.62 -28.87 -5.63
C SER D 171 -6.98 -27.53 -4.95
N THR D 172 -6.61 -27.33 -3.68
CA THR D 172 -6.87 -26.07 -2.94
C THR D 172 -5.70 -25.09 -3.15
N TYR D 173 -5.94 -23.82 -2.86
CA TYR D 173 -4.88 -22.79 -2.73
C TYR D 173 -4.68 -22.44 -1.25
N SER D 174 -3.45 -22.10 -0.91
CA SER D 174 -3.08 -21.38 0.33
C SER D 174 -2.37 -20.11 -0.10
N MET D 175 -2.38 -19.10 0.77
CA MET D 175 -1.83 -17.76 0.49
C MET D 175 -1.25 -17.21 1.79
N SER D 176 -0.19 -16.40 1.69
CA SER D 176 0.41 -15.61 2.80
C SER D 176 0.30 -14.12 2.46
N SER D 177 -0.23 -13.32 3.39
CA SER D 177 -0.18 -11.84 3.38
C SER D 177 0.76 -11.38 4.50
N THR D 178 1.81 -10.65 4.16
CA THR D 178 2.84 -10.17 5.13
C THR D 178 2.86 -8.64 5.12
N LEU D 179 2.48 -8.04 6.25
CA LEU D 179 2.62 -6.59 6.51
C LEU D 179 4.00 -6.35 7.16
N THR D 180 4.90 -5.66 6.46
CA THR D 180 6.26 -5.31 6.95
C THR D 180 6.25 -3.88 7.50
N LEU D 181 6.56 -3.72 8.80
CA LEU D 181 6.71 -2.41 9.49
C LEU D 181 8.12 -2.31 10.09
N THR D 182 8.53 -1.11 10.50
CA THR D 182 9.67 -0.87 11.43
C THR D 182 9.15 -1.07 12.86
N LYS D 183 10.01 -1.48 13.80
CA LYS D 183 9.62 -1.65 15.22
C LYS D 183 8.95 -0.37 15.70
N ASP D 184 9.50 0.79 15.32
CA ASP D 184 8.98 2.13 15.70
C ASP D 184 7.55 2.30 15.17
N GLU D 185 7.28 1.89 13.93
CA GLU D 185 5.90 1.92 13.34
C GLU D 185 4.98 0.96 14.11
N TYR D 186 5.44 -0.26 14.36
CA TYR D 186 4.67 -1.35 15.02
C TYR D 186 4.18 -0.89 16.41
N GLU D 187 4.99 -0.08 17.11
CA GLU D 187 4.76 0.31 18.53
C GLU D 187 3.95 1.62 18.62
N ARG D 188 3.36 2.08 17.51
CA ARG D 188 2.49 3.29 17.46
C ARG D 188 1.02 2.87 17.59
N HIS D 189 0.73 1.57 17.53
CA HIS D 189 -0.66 1.03 17.50
C HIS D 189 -0.76 -0.21 18.40
N ASN D 190 -1.99 -0.57 18.78
CA ASN D 190 -2.29 -1.72 19.66
C ASN D 190 -2.83 -2.89 18.83
N SER D 191 -3.87 -2.65 18.01
CA SER D 191 -4.68 -3.70 17.36
C SER D 191 -4.18 -3.98 15.94
N TYR D 192 -3.96 -5.25 15.62
CA TYR D 192 -3.52 -5.73 14.29
C TYR D 192 -4.47 -6.82 13.81
N THR D 193 -5.12 -6.56 12.67
CA THR D 193 -6.19 -7.40 12.10
C THR D 193 -5.92 -7.66 10.61
N CYS D 194 -6.02 -8.94 10.23
N CYS D 194 -5.93 -8.93 10.20
CA CYS D 194 -6.03 -9.46 8.85
CA CYS D 194 -6.01 -9.33 8.77
C CYS D 194 -7.47 -9.89 8.55
C CYS D 194 -7.44 -9.87 8.54
N GLU D 195 -8.05 -9.42 7.44
CA GLU D 195 -9.49 -9.64 7.13
C GLU D 195 -9.61 -10.23 5.72
N ALA D 196 -10.04 -11.48 5.64
CA ALA D 196 -10.17 -12.25 4.39
C ALA D 196 -11.62 -12.18 3.91
N THR D 197 -11.85 -11.69 2.69
CA THR D 197 -13.16 -11.73 2.00
C THR D 197 -13.03 -12.68 0.81
N HIS D 198 -13.92 -13.67 0.75
CA HIS D 198 -13.89 -14.80 -0.22
C HIS D 198 -15.33 -15.16 -0.59
N LYS D 199 -15.55 -15.61 -1.83
CA LYS D 199 -16.92 -15.84 -2.40
C LYS D 199 -17.71 -16.82 -1.52
N THR D 200 -17.03 -17.61 -0.67
CA THR D 200 -17.65 -18.64 0.21
C THR D 200 -18.54 -18.02 1.29
N SER D 201 -18.49 -16.70 1.52
CA SER D 201 -19.46 -15.99 2.40
C SER D 201 -19.36 -14.48 2.22
N THR D 202 -20.47 -13.77 2.46
CA THR D 202 -20.54 -12.29 2.47
C THR D 202 -19.89 -11.77 3.75
N SER D 203 -19.68 -12.63 4.75
CA SER D 203 -19.01 -12.31 6.04
C SER D 203 -17.52 -12.55 5.92
N PRO D 204 -16.66 -11.50 6.08
CA PRO D 204 -15.22 -11.69 6.12
C PRO D 204 -14.80 -12.61 7.28
N ILE D 205 -13.70 -13.34 7.11
CA ILE D 205 -13.01 -14.07 8.22
C ILE D 205 -11.95 -13.13 8.80
N VAL D 206 -12.14 -12.72 10.05
CA VAL D 206 -11.31 -11.69 10.75
C VAL D 206 -10.45 -12.41 11.78
N LYS D 207 -9.14 -12.12 11.79
CA LYS D 207 -8.20 -12.61 12.83
C LYS D 207 -7.46 -11.40 13.39
N SER D 208 -7.44 -11.27 14.72
CA SER D 208 -6.93 -10.08 15.45
C SER D 208 -6.00 -10.52 16.57
N PHE D 209 -5.06 -9.65 16.92
CA PHE D 209 -4.34 -9.64 18.21
C PHE D 209 -4.11 -8.19 18.64
N ASN D 210 -4.00 -7.94 19.94
CA ASN D 210 -3.44 -6.69 20.50
C ASN D 210 -1.97 -6.94 20.85
N ARG D 211 -1.09 -6.06 20.36
CA ARG D 211 0.37 -6.05 20.64
C ARG D 211 0.60 -5.98 22.15
N ASN D 212 1.35 -6.94 22.71
CA ASN D 212 1.64 -7.07 24.16
C ASN D 212 0.33 -7.31 24.93
N GLU D 213 -0.30 -8.47 24.71
CA GLU D 213 -1.60 -8.86 25.31
C GLU D 213 -1.72 -10.39 25.32
N CYS D 214 -1.79 -11.00 26.51
CA CYS D 214 -1.92 -12.48 26.71
C CYS D 214 -3.05 -12.76 27.70
N GLN E 1 15.49 -29.56 -38.74
CA GLN E 1 14.23 -28.89 -38.30
C GLN E 1 14.53 -27.43 -37.97
N ILE E 2 13.57 -26.52 -38.19
CA ILE E 2 13.72 -25.06 -37.89
C ILE E 2 13.83 -24.89 -36.38
N GLN E 3 14.87 -24.19 -35.91
CA GLN E 3 15.11 -23.97 -34.47
C GLN E 3 15.59 -22.53 -34.26
N LEU E 4 15.10 -21.90 -33.18
CA LEU E 4 15.66 -20.64 -32.63
C LEU E 4 16.25 -20.96 -31.26
N GLN E 5 17.56 -20.76 -31.10
CA GLN E 5 18.34 -21.14 -29.89
CA GLN E 5 18.31 -21.13 -29.87
C GLN E 5 18.87 -19.86 -29.21
N GLN E 6 18.41 -19.56 -28.01
CA GLN E 6 18.79 -18.31 -27.28
C GLN E 6 19.92 -18.60 -26.30
N SER E 7 20.68 -17.55 -25.97
CA SER E 7 21.77 -17.55 -24.96
C SER E 7 21.20 -17.86 -23.58
N GLY E 8 22.04 -18.38 -22.68
CA GLY E 8 21.68 -18.80 -21.32
C GLY E 8 21.30 -17.61 -20.44
N PRO E 9 20.91 -17.88 -19.18
CA PRO E 9 20.44 -16.83 -18.27
C PRO E 9 21.59 -15.90 -17.86
N GLU E 10 21.25 -14.65 -17.52
CA GLU E 10 22.23 -13.59 -17.16
C GLU E 10 21.82 -12.95 -15.83
N LEU E 11 22.76 -12.84 -14.88
CA LEU E 11 22.68 -11.93 -13.72
C LEU E 11 23.60 -10.74 -13.98
N VAL E 12 23.06 -9.53 -13.91
CA VAL E 12 23.77 -8.26 -14.27
C VAL E 12 23.37 -7.18 -13.27
N LYS E 13 24.23 -6.17 -13.10
CA LYS E 13 24.00 -5.01 -12.21
C LYS E 13 23.11 -3.99 -12.91
N PRO E 14 22.34 -3.18 -12.16
CA PRO E 14 21.66 -2.01 -12.74
C PRO E 14 22.67 -1.03 -13.37
N GLY E 15 22.25 -0.37 -14.46
CA GLY E 15 23.09 0.57 -15.23
C GLY E 15 24.02 -0.15 -16.22
N ALA E 16 24.02 -1.49 -16.24
CA ALA E 16 24.84 -2.29 -17.18
C ALA E 16 24.06 -2.49 -18.49
N SER E 17 24.75 -2.94 -19.54
CA SER E 17 24.15 -3.44 -20.80
C SER E 17 24.23 -4.97 -20.80
N VAL E 18 23.28 -5.63 -21.46
CA VAL E 18 23.35 -7.09 -21.75
C VAL E 18 23.07 -7.29 -23.25
N LYS E 19 23.64 -8.33 -23.86
CA LYS E 19 23.41 -8.70 -25.27
C LYS E 19 22.90 -10.14 -25.30
N ILE E 20 21.62 -10.34 -25.64
CA ILE E 20 20.94 -11.67 -25.69
C ILE E 20 20.88 -12.13 -27.14
N SER E 21 21.35 -13.35 -27.44
CA SER E 21 21.44 -13.92 -28.81
C SER E 21 20.26 -14.85 -29.12
N CYS E 22 19.92 -14.93 -30.41
CA CYS E 22 18.91 -15.82 -31.01
C CYS E 22 19.50 -16.42 -32.30
N LYS E 23 20.01 -17.65 -32.25
CA LYS E 23 20.66 -18.30 -33.42
C LYS E 23 19.61 -19.12 -34.18
N ALA E 24 19.41 -18.80 -35.46
CA ALA E 24 18.44 -19.45 -36.35
C ALA E 24 19.13 -20.60 -37.11
N SER E 25 18.42 -21.71 -37.30
CA SER E 25 18.90 -22.89 -38.06
C SER E 25 17.70 -23.59 -38.72
N GLY E 26 17.95 -24.29 -39.84
CA GLY E 26 16.95 -25.07 -40.59
C GLY E 26 16.20 -24.25 -41.62
N TYR E 27 16.53 -22.96 -41.79
CA TYR E 27 15.94 -22.07 -42.83
C TYR E 27 16.90 -20.92 -43.17
N THR E 28 16.53 -20.14 -44.19
CA THR E 28 17.29 -18.96 -44.65
C THR E 28 16.98 -17.79 -43.73
N PHE E 29 17.93 -17.45 -42.86
CA PHE E 29 17.80 -16.50 -41.73
C PHE E 29 17.49 -15.08 -42.25
N THR E 30 18.05 -14.72 -43.41
CA THR E 30 17.92 -13.37 -44.03
C THR E 30 16.50 -13.10 -44.54
N ASP E 31 15.63 -14.11 -44.63
CA ASP E 31 14.39 -14.05 -45.46
C ASP E 31 13.12 -13.82 -44.62
N PHE E 32 13.20 -13.78 -43.28
CA PHE E 32 12.02 -13.75 -42.38
C PHE E 32 12.22 -12.83 -41.18
N TYR E 33 11.24 -11.97 -40.93
CA TYR E 33 11.14 -11.12 -39.71
C TYR E 33 11.31 -11.96 -38.43
N ILE E 34 12.01 -11.40 -37.45
CA ILE E 34 12.18 -11.96 -36.07
C ILE E 34 11.67 -10.92 -35.07
N ASN E 35 10.60 -11.25 -34.33
CA ASN E 35 10.06 -10.43 -33.21
C ASN E 35 10.85 -10.73 -31.94
N TRP E 36 10.89 -9.77 -31.01
CA TRP E 36 11.37 -9.99 -29.60
C TRP E 36 10.23 -9.65 -28.63
N MET E 37 10.10 -10.47 -27.58
CA MET E 37 9.01 -10.38 -26.58
C MET E 37 9.62 -10.41 -25.17
N LYS E 38 8.94 -9.76 -24.22
CA LYS E 38 9.27 -9.76 -22.77
C LYS E 38 8.09 -10.35 -21.99
N GLN E 39 8.36 -11.23 -21.03
CA GLN E 39 7.33 -11.83 -20.14
C GLN E 39 7.87 -11.96 -18.72
N ARG E 40 7.14 -11.37 -17.77
CA ARG E 40 7.31 -11.57 -16.31
C ARG E 40 6.54 -12.83 -15.92
N PRO E 41 7.00 -13.57 -14.88
CA PRO E 41 6.30 -14.75 -14.36
C PRO E 41 4.76 -14.73 -14.38
N GLY E 42 4.16 -15.63 -15.17
CA GLY E 42 2.69 -15.84 -15.24
C GLY E 42 1.96 -14.54 -15.50
N GLN E 43 2.26 -13.89 -16.63
CA GLN E 43 1.66 -12.60 -17.02
C GLN E 43 1.72 -12.43 -18.54
N GLY E 44 0.97 -11.46 -19.06
CA GLY E 44 0.85 -11.18 -20.49
C GLY E 44 2.20 -10.84 -21.09
N LEU E 45 2.48 -11.35 -22.30
CA LEU E 45 3.70 -10.99 -23.04
C LEU E 45 3.58 -9.54 -23.53
N GLU E 46 4.72 -8.86 -23.67
CA GLU E 46 4.84 -7.56 -24.36
C GLU E 46 5.78 -7.71 -25.56
N TRP E 47 5.42 -7.06 -26.66
CA TRP E 47 6.23 -7.01 -27.91
C TRP E 47 7.20 -5.82 -27.82
N ILE E 48 8.49 -6.10 -28.05
CA ILE E 48 9.61 -5.11 -28.01
C ILE E 48 9.75 -4.45 -29.39
N GLY E 49 9.87 -5.26 -30.44
CA GLY E 49 10.03 -4.77 -31.82
C GLY E 49 10.46 -5.90 -32.74
N TRP E 50 10.69 -5.62 -34.02
CA TRP E 50 11.21 -6.64 -34.96
C TRP E 50 12.47 -6.16 -35.67
N ILE E 51 13.16 -7.10 -36.31
CA ILE E 51 14.27 -6.84 -37.27
C ILE E 51 14.04 -7.74 -38.48
N PHE E 52 14.24 -7.20 -39.67
CA PHE E 52 14.36 -8.00 -40.91
C PHE E 52 15.84 -8.29 -41.13
N PRO E 53 16.32 -9.51 -40.82
CA PRO E 53 17.76 -9.80 -40.84
C PRO E 53 18.45 -9.53 -42.19
N GLY E 54 17.73 -9.63 -43.30
CA GLY E 54 18.26 -9.40 -44.65
C GLY E 54 18.81 -8.00 -44.84
N SER E 55 18.21 -7.00 -44.20
CA SER E 55 18.51 -5.56 -44.38
C SER E 55 18.93 -4.91 -43.05
N GLY E 56 18.46 -5.45 -41.92
CA GLY E 56 18.64 -4.84 -40.59
C GLY E 56 17.64 -3.72 -40.30
N ASN E 57 16.61 -3.56 -41.13
CA ASN E 57 15.45 -2.67 -40.84
C ASN E 57 14.81 -3.15 -39.53
N THR E 58 14.38 -2.22 -38.68
CA THR E 58 13.81 -2.47 -37.35
C THR E 58 12.55 -1.62 -37.15
N HIS E 59 11.65 -2.08 -36.30
CA HIS E 59 10.54 -1.26 -35.75
C HIS E 59 10.34 -1.65 -34.28
N TYR E 60 9.94 -0.69 -33.43
CA TYR E 60 9.86 -0.87 -31.96
C TYR E 60 8.47 -0.47 -31.46
N ASN E 61 8.08 -1.09 -30.36
CA ASN E 61 7.05 -0.59 -29.40
C ASN E 61 7.56 0.74 -28.84
N GLU E 62 6.71 1.76 -28.78
CA GLU E 62 7.02 3.04 -28.10
C GLU E 62 7.55 2.76 -26.68
N LYS E 63 7.00 1.75 -26.00
CA LYS E 63 7.36 1.38 -24.61
C LYS E 63 8.83 0.93 -24.50
N PHE E 64 9.47 0.48 -25.59
CA PHE E 64 10.83 -0.11 -25.57
C PHE E 64 11.85 0.69 -26.40
N LYS E 65 11.42 1.63 -27.24
CA LYS E 65 12.35 2.53 -28.01
C LYS E 65 13.37 3.14 -27.04
N GLY E 66 14.67 3.03 -27.36
CA GLY E 66 15.79 3.48 -26.49
C GLY E 66 16.25 2.40 -25.52
N LYS E 67 15.31 1.67 -24.92
CA LYS E 67 15.60 0.52 -24.01
C LYS E 67 16.28 -0.60 -24.81
N ALA E 68 15.70 -0.97 -25.96
CA ALA E 68 16.12 -2.13 -26.79
C ALA E 68 16.74 -1.63 -28.10
N THR E 69 17.82 -2.27 -28.53
CA THR E 69 18.42 -2.11 -29.88
C THR E 69 18.53 -3.52 -30.48
N LEU E 70 17.87 -3.74 -31.61
CA LEU E 70 17.89 -5.03 -32.34
C LEU E 70 18.92 -4.92 -33.47
N ILE E 71 19.83 -5.90 -33.55
CA ILE E 71 20.85 -6.03 -34.64
C ILE E 71 20.89 -7.49 -35.08
N VAL E 72 21.56 -7.78 -36.19
CA VAL E 72 21.82 -9.17 -36.66
C VAL E 72 23.30 -9.26 -37.05
N ASP E 73 23.85 -10.47 -36.90
CA ASP E 73 25.11 -10.92 -37.53
C ASP E 73 24.71 -12.03 -38.53
N THR E 74 24.64 -11.69 -39.82
CA THR E 74 24.12 -12.58 -40.88
C THR E 74 25.06 -13.79 -41.00
N SER E 75 26.36 -13.59 -40.78
CA SER E 75 27.39 -14.64 -40.99
C SER E 75 27.23 -15.77 -39.95
N SER E 76 26.65 -15.48 -38.78
CA SER E 76 26.39 -16.48 -37.70
C SER E 76 24.89 -16.81 -37.60
N SER E 77 24.11 -16.41 -38.59
CA SER E 77 22.62 -16.56 -38.65
C SER E 77 22.01 -16.22 -37.28
N THR E 78 22.49 -15.17 -36.60
CA THR E 78 22.10 -14.87 -35.20
C THR E 78 21.54 -13.44 -35.07
N ALA E 79 20.39 -13.31 -34.40
CA ALA E 79 19.79 -12.02 -34.03
C ALA E 79 20.16 -11.70 -32.58
N PHE E 80 20.33 -10.42 -32.27
CA PHE E 80 20.73 -9.92 -30.93
C PHE E 80 19.77 -8.83 -30.49
N MET E 81 19.42 -8.83 -29.21
CA MET E 81 18.73 -7.71 -28.55
C MET E 81 19.67 -7.16 -27.47
N GLN E 82 20.13 -5.92 -27.66
CA GLN E 82 20.92 -5.17 -26.67
C GLN E 82 19.95 -4.36 -25.81
N LEU E 83 20.01 -4.55 -24.48
CA LEU E 83 19.24 -3.75 -23.48
C LEU E 83 20.21 -2.80 -22.78
N ASN E 84 19.88 -1.51 -22.77
CA ASN E 84 20.77 -0.41 -22.30
C ASN E 84 20.26 0.07 -20.94
N SER E 85 21.16 0.56 -20.07
CA SER E 85 20.86 1.24 -18.79
C SER E 85 19.86 0.41 -17.97
N LEU E 86 20.22 -0.85 -17.70
CA LEU E 86 19.34 -1.88 -17.10
C LEU E 86 18.87 -1.45 -15.70
N THR E 87 17.61 -1.77 -15.40
CA THR E 87 16.96 -1.56 -14.09
C THR E 87 16.34 -2.89 -13.67
N SER E 88 15.92 -3.01 -12.41
CA SER E 88 15.25 -4.22 -11.88
C SER E 88 14.00 -4.53 -12.72
N GLU E 89 13.34 -3.49 -13.26
CA GLU E 89 12.09 -3.62 -14.06
C GLU E 89 12.38 -4.34 -15.39
N ASP E 90 13.65 -4.49 -15.78
CA ASP E 90 14.04 -5.24 -17.01
C ASP E 90 14.16 -6.75 -16.69
N SER E 91 14.14 -7.14 -15.40
CA SER E 91 14.15 -8.57 -14.97
C SER E 91 12.89 -9.28 -15.50
N ALA E 92 13.08 -10.31 -16.32
CA ALA E 92 12.02 -10.98 -17.10
C ALA E 92 12.63 -12.09 -17.96
N VAL E 93 11.76 -12.88 -18.61
CA VAL E 93 12.14 -13.82 -19.70
C VAL E 93 11.99 -13.05 -21.01
N TYR E 94 12.96 -13.22 -21.92
CA TYR E 94 12.99 -12.60 -23.26
C TYR E 94 12.98 -13.71 -24.31
N PHE E 95 12.02 -13.62 -25.24
CA PHE E 95 11.83 -14.58 -26.37
C PHE E 95 12.12 -13.85 -27.67
N CYS E 96 12.85 -14.51 -28.57
CA CYS E 96 12.82 -14.20 -30.03
C CYS E 96 11.79 -15.16 -30.67
N THR E 97 11.14 -14.73 -31.74
CA THR E 97 10.09 -15.54 -32.40
C THR E 97 9.84 -15.04 -33.82
N ARG E 98 9.77 -15.97 -34.77
CA ARG E 98 9.17 -15.74 -36.10
C ARG E 98 7.65 -15.74 -35.94
N PRO E 99 6.94 -14.65 -36.30
CA PRO E 99 5.50 -14.58 -36.10
C PRO E 99 4.71 -15.54 -37.00
N VAL E 100 3.44 -15.73 -36.66
CA VAL E 100 2.45 -16.50 -37.45
C VAL E 100 2.32 -15.84 -38.84
N SER E 101 2.14 -16.67 -39.89
CA SER E 101 1.87 -16.24 -41.28
C SER E 101 0.68 -17.04 -41.82
N TYR E 102 -0.12 -16.42 -42.70
CA TYR E 102 -1.13 -17.13 -43.53
C TYR E 102 -0.46 -18.20 -44.40
N TYR E 103 0.81 -18.00 -44.77
CA TYR E 103 1.50 -18.75 -45.85
C TYR E 103 2.35 -19.91 -45.31
N TYR E 104 2.50 -20.01 -43.98
CA TYR E 104 3.31 -21.05 -43.29
C TYR E 104 2.45 -21.76 -42.25
N ASP E 105 2.68 -23.06 -42.05
CA ASP E 105 1.87 -23.89 -41.12
C ASP E 105 2.06 -23.40 -39.68
N PHE E 106 3.27 -22.98 -39.32
CA PHE E 106 3.72 -22.78 -37.92
C PHE E 106 4.30 -21.36 -37.70
N ASP E 107 4.35 -20.91 -36.45
CA ASP E 107 5.31 -19.88 -35.98
C ASP E 107 6.48 -20.62 -35.31
N TYR E 108 7.52 -19.89 -34.87
CA TYR E 108 8.69 -20.47 -34.18
C TYR E 108 9.10 -19.57 -33.02
N TRP E 109 9.52 -20.17 -31.91
CA TRP E 109 9.98 -19.47 -30.68
C TRP E 109 11.31 -20.04 -30.21
N GLY E 110 12.21 -19.16 -29.79
CA GLY E 110 13.34 -19.51 -28.91
C GLY E 110 12.84 -20.00 -27.58
N GLN E 111 13.70 -20.69 -26.81
CA GLN E 111 13.34 -21.33 -25.53
C GLN E 111 13.21 -20.23 -24.47
N GLY E 112 13.58 -18.98 -24.79
CA GLY E 112 13.55 -17.83 -23.87
C GLY E 112 14.85 -17.70 -23.10
N THR E 113 15.12 -16.50 -22.58
CA THR E 113 16.34 -16.13 -21.82
C THR E 113 15.92 -15.35 -20.57
N THR E 114 16.25 -15.85 -19.36
CA THR E 114 15.93 -15.15 -18.08
C THR E 114 17.02 -14.12 -17.79
N LEU E 115 16.65 -12.84 -17.77
CA LEU E 115 17.49 -11.73 -17.30
C LEU E 115 17.06 -11.37 -15.88
N THR E 116 17.99 -11.42 -14.93
CA THR E 116 17.86 -10.85 -13.57
C THR E 116 18.78 -9.63 -13.49
N VAL E 117 18.21 -8.44 -13.30
CA VAL E 117 18.96 -7.18 -13.02
C VAL E 117 18.83 -6.91 -11.52
N SER E 118 19.95 -6.98 -10.81
CA SER E 118 20.03 -6.85 -9.34
C SER E 118 21.42 -6.36 -8.93
N SER E 119 21.47 -5.39 -8.02
CA SER E 119 22.72 -4.91 -7.38
C SER E 119 23.07 -5.83 -6.19
N ALA E 120 22.07 -6.58 -5.69
CA ALA E 120 22.13 -7.41 -4.46
C ALA E 120 23.31 -8.40 -4.54
N LYS E 121 24.00 -8.60 -3.41
CA LYS E 121 25.08 -9.61 -3.29
C LYS E 121 24.53 -10.81 -2.51
N THR E 122 25.24 -11.95 -2.56
CA THR E 122 24.92 -13.18 -1.78
C THR E 122 24.68 -12.77 -0.33
N THR E 123 23.51 -13.13 0.20
CA THR E 123 23.05 -12.78 1.58
C THR E 123 22.29 -13.97 2.15
N ALA E 124 22.71 -14.46 3.32
CA ALA E 124 22.01 -15.49 4.11
C ALA E 124 20.70 -14.90 4.59
N PRO E 125 19.62 -15.70 4.74
CA PRO E 125 18.35 -15.20 5.29
C PRO E 125 18.36 -15.07 6.82
N SER E 126 17.67 -14.07 7.35
CA SER E 126 17.15 -14.06 8.74
C SER E 126 15.96 -15.02 8.79
N VAL E 127 15.84 -15.81 9.84
CA VAL E 127 14.77 -16.84 10.00
C VAL E 127 14.06 -16.61 11.34
N TYR E 128 12.75 -16.36 11.30
CA TYR E 128 11.95 -16.00 12.51
C TYR E 128 10.91 -17.08 12.78
N PRO E 129 10.84 -17.62 14.02
CA PRO E 129 9.74 -18.50 14.40
C PRO E 129 8.46 -17.69 14.59
N LEU E 130 7.33 -18.19 14.08
CA LEU E 130 5.97 -17.63 14.26
C LEU E 130 5.13 -18.64 15.04
N ALA E 131 4.89 -18.37 16.33
CA ALA E 131 4.01 -19.20 17.19
C ALA E 131 2.63 -18.55 17.22
N PRO E 132 1.57 -19.30 17.58
CA PRO E 132 0.22 -18.74 17.69
C PRO E 132 0.18 -17.47 18.57
N VAL E 133 -0.78 -16.59 18.28
CA VAL E 133 -1.05 -15.34 19.06
C VAL E 133 -1.09 -15.71 20.55
N CYS E 134 -0.55 -14.84 21.40
CA CYS E 134 -0.23 -15.12 22.83
C CYS E 134 -1.50 -15.41 23.61
N GLY E 135 -1.51 -16.51 24.39
CA GLY E 135 -2.61 -16.90 25.29
C GLY E 135 -3.92 -17.08 24.53
N ASP E 136 -3.84 -17.52 23.27
CA ASP E 136 -5.00 -17.86 22.40
C ASP E 136 -5.18 -19.38 22.42
N THR E 137 -6.32 -19.84 22.93
CA THR E 137 -6.65 -21.28 23.11
C THR E 137 -7.09 -21.85 21.75
N SER E 138 -6.21 -22.63 21.11
CA SER E 138 -6.46 -23.25 19.78
C SER E 138 -7.45 -24.42 19.95
N GLY E 139 -7.96 -24.92 18.82
CA GLY E 139 -8.86 -26.09 18.78
C GLY E 139 -8.07 -27.38 18.72
N SER E 140 -8.64 -28.41 18.08
CA SER E 140 -8.03 -29.76 17.92
C SER E 140 -6.76 -29.65 17.04
N SER E 141 -6.62 -28.57 16.28
CA SER E 141 -5.44 -28.28 15.41
C SER E 141 -4.79 -26.95 15.80
N VAL E 142 -3.48 -26.81 15.55
CA VAL E 142 -2.71 -25.54 15.69
C VAL E 142 -1.89 -25.32 14.41
N THR E 143 -1.77 -24.07 13.96
CA THR E 143 -0.96 -23.68 12.78
C THR E 143 0.23 -22.86 13.27
N LEU E 144 1.46 -23.32 12.96
CA LEU E 144 2.73 -22.61 13.25
C LEU E 144 3.32 -22.10 11.93
N GLY E 145 4.28 -21.19 12.02
CA GLY E 145 4.87 -20.51 10.84
C GLY E 145 6.35 -20.26 10.98
N CYS E 146 6.99 -19.95 9.87
CA CYS E 146 8.44 -19.68 9.76
C CYS E 146 8.62 -18.59 8.70
N LEU E 147 9.21 -17.45 9.06
CA LEU E 147 9.41 -16.28 8.15
C LEU E 147 10.90 -16.24 7.79
N VAL E 148 11.20 -16.32 6.50
CA VAL E 148 12.58 -16.29 5.93
C VAL E 148 12.71 -14.99 5.14
N LYS E 149 13.66 -14.13 5.51
CA LYS E 149 13.67 -12.71 5.08
C LYS E 149 15.10 -12.32 4.67
N GLY E 150 15.21 -11.55 3.57
CA GLY E 150 16.43 -10.80 3.19
C GLY E 150 17.55 -11.67 2.65
N TYR E 151 17.24 -12.69 1.84
CA TYR E 151 18.26 -13.60 1.24
C TYR E 151 18.40 -13.33 -0.27
N PHE E 152 19.57 -13.67 -0.81
CA PHE E 152 19.87 -13.64 -2.26
C PHE E 152 21.09 -14.53 -2.54
N PRO E 153 21.11 -15.28 -3.67
CA PRO E 153 19.98 -15.40 -4.58
C PRO E 153 19.00 -16.47 -4.09
N GLU E 154 18.00 -16.81 -4.92
CA GLU E 154 17.20 -18.06 -4.79
C GLU E 154 18.13 -19.24 -5.10
N PRO E 155 17.85 -20.46 -4.59
CA PRO E 155 16.77 -20.70 -3.65
C PRO E 155 17.19 -20.84 -2.18
N VAL E 156 16.21 -20.96 -1.29
CA VAL E 156 16.35 -21.62 0.04
C VAL E 156 15.54 -22.92 -0.03
N THR E 157 15.87 -23.87 0.83
CA THR E 157 15.05 -25.08 1.06
C THR E 157 14.64 -25.04 2.53
N LEU E 158 13.38 -25.38 2.81
CA LEU E 158 12.80 -25.25 4.17
C LEU E 158 12.06 -26.55 4.49
N THR E 159 12.36 -27.12 5.65
CA THR E 159 11.72 -28.36 6.19
C THR E 159 11.16 -28.06 7.59
N TRP E 160 10.36 -29.00 8.10
CA TRP E 160 9.87 -29.04 9.50
C TRP E 160 10.37 -30.34 10.13
N ASN E 161 10.99 -30.25 11.30
CA ASN E 161 11.68 -31.38 11.98
C ASN E 161 12.51 -32.13 10.94
N SER E 162 13.31 -31.40 10.16
CA SER E 162 14.31 -31.91 9.18
C SER E 162 13.65 -32.59 7.97
N GLY E 163 12.30 -32.59 7.90
CA GLY E 163 11.54 -33.19 6.78
C GLY E 163 10.56 -34.25 7.25
N SER E 164 10.67 -34.70 8.52
CA SER E 164 9.75 -35.71 9.12
C SER E 164 8.31 -35.18 9.13
N LEU E 165 8.11 -33.88 9.35
CA LEU E 165 6.78 -33.20 9.22
C LEU E 165 6.57 -32.79 7.76
N SER E 166 5.87 -33.61 6.97
CA SER E 166 5.60 -33.40 5.52
C SER E 166 4.12 -33.05 5.28
N SER E 167 3.22 -33.70 6.03
CA SER E 167 1.75 -33.42 6.05
C SER E 167 1.48 -31.97 6.51
N GLY E 168 0.46 -31.34 5.93
CA GLY E 168 -0.09 -30.04 6.37
C GLY E 168 0.93 -28.92 6.32
N VAL E 169 1.98 -29.08 5.52
CA VAL E 169 3.00 -28.02 5.28
C VAL E 169 2.67 -27.31 3.97
N HIS E 170 2.63 -25.97 4.01
CA HIS E 170 2.57 -25.06 2.84
C HIS E 170 3.78 -24.14 2.87
N THR E 171 4.58 -24.09 1.81
CA THR E 171 5.72 -23.14 1.64
C THR E 171 5.39 -22.24 0.45
N PHE E 172 5.24 -20.93 0.71
CA PHE E 172 4.81 -19.91 -0.28
C PHE E 172 6.00 -19.56 -1.17
N PRO E 173 5.80 -19.31 -2.48
CA PRO E 173 6.88 -18.86 -3.37
C PRO E 173 7.53 -17.55 -2.91
N ALA E 174 8.83 -17.41 -3.15
CA ALA E 174 9.67 -16.23 -2.81
C ALA E 174 9.15 -14.98 -3.53
N VAL E 175 9.15 -13.83 -2.86
CA VAL E 175 8.84 -12.50 -3.45
C VAL E 175 10.00 -11.55 -3.14
N LEU E 176 10.29 -10.61 -4.05
CA LEU E 176 11.30 -9.54 -3.84
C LEU E 176 10.75 -8.50 -2.87
N GLN E 177 11.59 -8.08 -1.92
CA GLN E 177 11.33 -7.03 -0.89
C GLN E 177 12.66 -6.29 -0.66
N SER E 178 12.76 -5.04 -1.14
CA SER E 178 14.00 -4.24 -1.15
C SER E 178 15.16 -5.07 -1.71
N ASP E 179 15.01 -5.60 -2.92
CA ASP E 179 16.07 -6.27 -3.74
C ASP E 179 16.52 -7.61 -3.14
N LEU E 180 15.91 -8.06 -2.03
CA LEU E 180 16.22 -9.37 -1.40
C LEU E 180 14.93 -10.19 -1.36
N TYR E 181 15.05 -11.52 -1.28
CA TYR E 181 13.90 -12.46 -1.36
C TYR E 181 13.36 -12.72 0.04
N THR E 182 12.04 -12.87 0.14
CA THR E 182 11.33 -13.29 1.38
C THR E 182 10.33 -14.38 1.02
N LEU E 183 10.27 -15.45 1.83
CA LEU E 183 9.13 -16.39 1.84
C LEU E 183 8.79 -16.76 3.29
N SER E 184 7.71 -17.52 3.44
CA SER E 184 7.27 -18.12 4.72
C SER E 184 6.70 -19.51 4.47
N SER E 185 6.58 -20.31 5.52
CA SER E 185 5.95 -21.65 5.49
C SER E 185 5.01 -21.78 6.69
N SER E 186 3.84 -22.36 6.49
CA SER E 186 2.89 -22.76 7.56
C SER E 186 3.00 -24.27 7.74
N VAL E 187 2.84 -24.76 8.97
CA VAL E 187 2.63 -26.20 9.27
C VAL E 187 1.45 -26.30 10.24
N THR E 188 0.53 -27.21 9.97
CA THR E 188 -0.69 -27.50 10.76
C THR E 188 -0.51 -28.87 11.41
N VAL E 189 -0.64 -28.94 12.74
CA VAL E 189 -0.59 -30.21 13.53
C VAL E 189 -1.75 -30.23 14.52
N THR E 190 -2.08 -31.40 15.06
CA THR E 190 -3.04 -31.58 16.19
C THR E 190 -2.46 -30.88 17.43
N SER E 191 -3.32 -30.49 18.37
CA SER E 191 -2.93 -29.77 19.62
C SER E 191 -2.28 -30.75 20.61
N SER E 192 -2.49 -32.06 20.43
CA SER E 192 -1.86 -33.15 21.22
C SER E 192 -0.42 -33.42 20.74
N THR E 193 0.01 -32.74 19.66
CA THR E 193 1.39 -32.83 19.09
C THR E 193 2.25 -31.64 19.54
N TRP E 194 1.66 -30.44 19.59
CA TRP E 194 2.38 -29.17 19.94
C TRP E 194 1.55 -28.40 20.97
N PRO E 195 2.17 -27.78 22.00
CA PRO E 195 3.62 -27.71 22.15
C PRO E 195 4.31 -28.87 22.89
N SER E 196 3.65 -30.02 23.07
CA SER E 196 4.17 -31.18 23.84
C SER E 196 5.38 -31.81 23.13
N GLN E 197 5.31 -32.00 21.81
CA GLN E 197 6.42 -32.48 20.94
C GLN E 197 7.07 -31.26 20.28
N SER E 198 8.41 -31.21 20.17
CA SER E 198 9.14 -30.05 19.60
C SER E 198 8.97 -30.00 18.08
N ILE E 199 8.61 -28.83 17.55
CA ILE E 199 8.54 -28.55 16.08
C ILE E 199 9.54 -27.42 15.78
N THR E 200 10.51 -27.70 14.89
CA THR E 200 11.55 -26.73 14.47
C THR E 200 11.48 -26.53 12.95
N CYS E 201 11.58 -25.26 12.52
N CYS E 201 11.58 -25.28 12.47
CA CYS E 201 11.78 -24.85 11.10
CA CYS E 201 11.70 -24.96 11.02
C CYS E 201 13.28 -24.94 10.78
C CYS E 201 13.18 -24.83 10.66
N ASN E 202 13.64 -25.66 9.72
CA ASN E 202 15.04 -25.76 9.25
C ASN E 202 15.13 -25.07 7.88
N VAL E 203 16.07 -24.15 7.71
CA VAL E 203 16.22 -23.31 6.48
C VAL E 203 17.67 -23.44 6.00
N ALA E 204 17.84 -23.98 4.80
CA ALA E 204 19.14 -24.06 4.08
C ALA E 204 19.14 -23.01 2.96
N HIS E 205 20.21 -22.20 2.90
CA HIS E 205 20.55 -21.31 1.77
C HIS E 205 21.82 -21.84 1.12
N PRO E 206 21.73 -22.64 0.04
CA PRO E 206 22.92 -23.23 -0.60
C PRO E 206 24.00 -22.20 -1.00
N ALA E 207 23.60 -21.08 -1.61
CA ALA E 207 24.52 -20.04 -2.15
C ALA E 207 25.45 -19.50 -1.06
N SER E 208 24.96 -19.30 0.17
CA SER E 208 25.77 -18.80 1.33
C SER E 208 26.24 -19.95 2.22
N SER E 209 26.05 -21.21 1.79
CA SER E 209 26.29 -22.43 2.60
C SER E 209 25.78 -22.20 4.02
N THR E 210 24.50 -21.84 4.14
CA THR E 210 23.80 -21.44 5.39
C THR E 210 22.83 -22.53 5.82
N LYS E 211 22.81 -22.84 7.11
CA LYS E 211 21.78 -23.69 7.76
C LYS E 211 21.33 -23.02 9.06
N VAL E 212 20.05 -22.70 9.18
CA VAL E 212 19.45 -22.11 10.42
C VAL E 212 18.32 -23.01 10.92
N ASP E 213 18.25 -23.17 12.24
CA ASP E 213 17.17 -23.89 12.96
C ASP E 213 16.47 -22.90 13.90
N LYS E 214 15.12 -22.86 13.90
CA LYS E 214 14.35 -22.07 14.88
C LYS E 214 13.22 -22.95 15.45
N LYS E 215 13.37 -23.38 16.69
CA LYS E 215 12.29 -24.05 17.46
C LYS E 215 11.13 -23.07 17.56
N ILE E 216 9.90 -23.54 17.32
CA ILE E 216 8.67 -22.73 17.55
C ILE E 216 8.35 -22.79 19.05
N GLU E 217 8.62 -21.71 19.78
CA GLU E 217 8.43 -21.59 21.26
C GLU E 217 7.08 -20.94 21.53
N PRO E 218 6.23 -21.52 22.42
CA PRO E 218 5.01 -20.85 22.86
C PRO E 218 5.33 -19.43 23.36
N ARG E 219 4.53 -18.43 22.96
CA ARG E 219 4.69 -17.02 23.42
C ARG E 219 4.26 -16.92 24.90
N GLY E 220 4.86 -16.00 25.65
CA GLY E 220 4.51 -15.70 27.05
C GLY E 220 4.35 -14.19 27.28
N PRO E 221 3.71 -13.75 28.40
CA PRO E 221 3.51 -12.33 28.67
C PRO E 221 4.77 -11.47 28.53
N ASP F 2 -5.96 11.98 -54.13
CA ASP F 2 -4.48 12.20 -54.03
C ASP F 2 -3.90 11.21 -53.01
N LEU F 3 -3.96 11.56 -51.72
CA LEU F 3 -3.61 10.67 -50.57
C LEU F 3 -4.57 9.46 -50.57
N GLU F 4 -5.87 9.69 -50.74
CA GLU F 4 -6.91 8.64 -50.79
C GLU F 4 -6.54 7.66 -51.92
N ASP F 5 -6.20 8.18 -53.10
CA ASP F 5 -5.85 7.37 -54.30
CA ASP F 5 -5.87 7.34 -54.29
C ASP F 5 -4.60 6.54 -54.01
N ASN F 6 -3.65 7.11 -53.27
CA ASN F 6 -2.37 6.43 -52.90
C ASN F 6 -2.64 5.30 -51.90
N TRP F 7 -3.54 5.51 -50.93
CA TRP F 7 -4.03 4.43 -50.03
C TRP F 7 -4.71 3.34 -50.88
N GLU F 8 -5.53 3.75 -51.84
CA GLU F 8 -6.28 2.83 -52.74
C GLU F 8 -5.27 1.95 -53.51
N THR F 9 -4.28 2.57 -54.15
CA THR F 9 -3.18 1.89 -54.90
C THR F 9 -2.50 0.85 -54.00
N LEU F 10 -2.14 1.23 -52.77
CA LEU F 10 -1.51 0.31 -51.77
C LEU F 10 -2.46 -0.86 -51.51
N ASN F 11 -3.72 -0.57 -51.17
CA ASN F 11 -4.72 -1.58 -50.77
C ASN F 11 -4.94 -2.56 -51.93
N ASP F 12 -5.10 -2.06 -53.16
CA ASP F 12 -5.34 -2.89 -54.39
C ASP F 12 -4.16 -3.83 -54.64
N ASN F 13 -2.94 -3.35 -54.48
CA ASN F 13 -1.69 -4.10 -54.82
C ASN F 13 -1.38 -5.12 -53.71
N LEU F 14 -1.73 -4.84 -52.44
CA LEU F 14 -1.66 -5.85 -51.34
C LEU F 14 -2.53 -7.06 -51.70
N LYS F 15 -3.75 -6.81 -52.18
CA LYS F 15 -4.76 -7.83 -52.59
C LYS F 15 -4.15 -8.72 -53.69
N VAL F 16 -3.42 -8.13 -54.64
CA VAL F 16 -2.79 -8.85 -55.79
C VAL F 16 -1.71 -9.80 -55.24
N ILE F 17 -0.85 -9.30 -54.35
CA ILE F 17 0.25 -10.11 -53.72
C ILE F 17 -0.38 -11.34 -53.06
N GLU F 18 -1.51 -11.17 -52.36
CA GLU F 18 -2.15 -12.24 -51.55
C GLU F 18 -2.64 -13.40 -52.42
N LYS F 19 -3.01 -13.15 -53.69
CA LYS F 19 -3.57 -14.17 -54.60
C LYS F 19 -2.62 -14.37 -55.79
N ALA F 20 -1.39 -13.89 -55.68
CA ALA F 20 -0.37 -13.96 -56.76
C ALA F 20 0.00 -15.42 -57.03
N ASP F 21 0.08 -15.79 -58.31
CA ASP F 21 0.51 -17.15 -58.76
C ASP F 21 2.05 -17.17 -58.84
N ASN F 22 2.65 -16.14 -59.43
CA ASN F 22 4.11 -16.10 -59.78
C ASN F 22 4.78 -14.86 -59.18
N ALA F 23 6.10 -14.75 -59.33
CA ALA F 23 6.98 -13.71 -58.74
C ALA F 23 6.68 -12.35 -59.39
N ALA F 24 6.67 -12.30 -60.72
CA ALA F 24 6.48 -11.09 -61.56
C ALA F 24 5.27 -10.28 -61.07
N GLN F 25 4.15 -10.96 -60.80
CA GLN F 25 2.88 -10.37 -60.28
C GLN F 25 3.18 -9.64 -58.96
N VAL F 26 3.87 -10.32 -58.04
CA VAL F 26 4.27 -9.78 -56.70
C VAL F 26 5.23 -8.61 -56.90
N LYS F 27 6.34 -8.83 -57.63
CA LYS F 27 7.36 -7.78 -57.94
C LYS F 27 6.64 -6.51 -58.43
N ASP F 28 5.77 -6.66 -59.43
CA ASP F 28 5.08 -5.54 -60.12
C ASP F 28 4.21 -4.75 -59.14
N ALA F 29 3.44 -5.45 -58.28
CA ALA F 29 2.54 -4.86 -57.27
C ALA F 29 3.34 -4.10 -56.21
N LEU F 30 4.44 -4.69 -55.73
CA LEU F 30 5.35 -4.05 -54.75
C LEU F 30 5.98 -2.79 -55.37
N THR F 31 6.30 -2.82 -56.67
CA THR F 31 6.87 -1.68 -57.43
C THR F 31 5.89 -0.50 -57.42
N LYS F 32 4.63 -0.75 -57.80
CA LYS F 32 3.55 0.27 -57.81
C LYS F 32 3.34 0.80 -56.39
N MET F 33 3.40 -0.10 -55.38
CA MET F 33 3.17 0.21 -53.95
C MET F 33 4.25 1.20 -53.45
N ARG F 34 5.51 0.97 -53.80
CA ARG F 34 6.66 1.80 -53.34
C ARG F 34 6.49 3.24 -53.85
N ALA F 35 6.10 3.37 -55.13
CA ALA F 35 5.85 4.66 -55.81
C ALA F 35 4.72 5.42 -55.10
N ALA F 36 3.61 4.72 -54.81
CA ALA F 36 2.42 5.26 -54.13
C ALA F 36 2.77 5.68 -52.70
N ALA F 37 3.64 4.91 -52.02
CA ALA F 37 4.14 5.21 -50.65
C ALA F 37 4.96 6.51 -50.67
N LEU F 38 5.89 6.64 -51.62
CA LEU F 38 6.80 7.82 -51.73
C LEU F 38 5.98 9.09 -51.99
N ASP F 39 4.93 9.03 -52.81
CA ASP F 39 4.05 10.18 -53.12
C ASP F 39 3.14 10.47 -51.91
N ALA F 40 2.69 9.44 -51.19
CA ALA F 40 1.87 9.54 -49.97
C ALA F 40 2.66 10.27 -48.88
N GLN F 41 3.95 9.97 -48.72
CA GLN F 41 4.84 10.54 -47.66
C GLN F 41 4.85 12.07 -47.72
N LYS F 42 4.63 12.69 -48.89
CA LYS F 42 4.75 14.16 -49.10
C LYS F 42 3.37 14.84 -49.01
N ALA F 43 2.29 14.07 -48.87
CA ALA F 43 0.89 14.55 -48.79
C ALA F 43 0.56 14.94 -47.34
N THR F 44 -0.64 15.49 -47.12
CA THR F 44 -1.13 15.99 -45.82
C THR F 44 -2.53 15.42 -45.54
N PRO F 45 -2.72 14.58 -44.49
CA PRO F 45 -4.04 14.07 -44.14
C PRO F 45 -5.05 15.21 -43.96
N PRO F 46 -6.32 15.05 -44.38
CA PRO F 46 -7.26 16.17 -44.44
C PRO F 46 -7.57 16.78 -43.07
N LYS F 47 -7.40 16.01 -41.98
CA LYS F 47 -7.62 16.47 -40.59
C LYS F 47 -6.45 17.37 -40.14
N LEU F 48 -5.26 17.19 -40.73
CA LEU F 48 -4.01 17.93 -40.39
C LEU F 48 -3.78 19.10 -41.36
N GLU F 49 -4.73 19.40 -42.26
CA GLU F 49 -4.54 20.38 -43.37
C GLU F 49 -4.28 21.79 -42.81
N ASP F 50 -4.89 22.15 -41.69
CA ASP F 50 -4.65 23.46 -41.00
C ASP F 50 -3.93 23.18 -39.68
N LYS F 51 -3.03 22.19 -39.68
CA LYS F 51 -1.97 21.98 -38.65
C LYS F 51 -0.64 22.46 -39.23
N SER F 52 0.43 22.44 -38.43
CA SER F 52 1.83 22.69 -38.88
C SER F 52 2.28 21.52 -39.75
N PRO F 53 3.04 21.75 -40.85
CA PRO F 53 3.66 20.67 -41.61
C PRO F 53 4.65 19.88 -40.74
N ASP F 54 5.20 20.56 -39.72
CA ASP F 54 6.20 20.02 -38.77
C ASP F 54 5.54 19.70 -37.43
N SER F 55 4.23 19.42 -37.42
CA SER F 55 3.48 19.00 -36.20
C SER F 55 3.90 17.58 -35.81
N PRO F 56 3.78 17.19 -34.52
CA PRO F 56 4.01 15.81 -34.10
C PRO F 56 3.13 14.77 -34.82
N GLU F 57 1.91 15.14 -35.19
CA GLU F 57 0.95 14.27 -35.92
C GLU F 57 1.46 14.04 -37.35
N MET F 58 1.95 15.10 -38.00
CA MET F 58 2.48 15.07 -39.39
C MET F 58 3.79 14.27 -39.43
N LYS F 59 4.58 14.34 -38.35
CA LYS F 59 5.84 13.56 -38.17
CA LYS F 59 5.85 13.56 -38.22
C LYS F 59 5.50 12.08 -38.05
N ASP F 60 4.44 11.77 -37.30
CA ASP F 60 3.93 10.39 -37.11
C ASP F 60 3.48 9.81 -38.46
N PHE F 61 2.67 10.57 -39.19
CA PHE F 61 2.15 10.24 -40.54
C PHE F 61 3.31 9.83 -41.44
N ARG F 62 4.33 10.68 -41.51
CA ARG F 62 5.53 10.49 -42.37
C ARG F 62 6.28 9.24 -41.93
N HIS F 63 6.42 9.05 -40.62
CA HIS F 63 7.08 7.87 -39.99
C HIS F 63 6.37 6.58 -40.44
N GLY F 64 5.04 6.61 -40.54
CA GLY F 64 4.22 5.51 -41.09
C GLY F 64 4.79 5.01 -42.40
N PHE F 65 5.11 5.93 -43.32
CA PHE F 65 5.58 5.62 -44.70
C PHE F 65 7.06 5.27 -44.69
N ASP F 66 7.85 5.81 -43.75
CA ASP F 66 9.25 5.36 -43.50
C ASP F 66 9.25 3.85 -43.24
N ILE F 67 8.41 3.39 -42.31
CA ILE F 67 8.26 1.95 -41.96
C ILE F 67 7.86 1.20 -43.23
N LEU F 68 6.80 1.68 -43.90
CA LEU F 68 6.16 1.00 -45.05
C LEU F 68 7.19 0.80 -46.17
N VAL F 69 7.95 1.85 -46.53
CA VAL F 69 8.94 1.78 -47.65
C VAL F 69 10.01 0.73 -47.32
N GLY F 70 10.55 0.75 -46.09
CA GLY F 70 11.47 -0.28 -45.56
C GLY F 70 10.92 -1.68 -45.77
N GLN F 71 9.66 -1.90 -45.40
CA GLN F 71 8.93 -3.19 -45.54
C GLN F 71 8.77 -3.57 -47.02
N ILE F 72 8.44 -2.61 -47.89
CA ILE F 72 8.28 -2.89 -49.36
C ILE F 72 9.64 -3.31 -49.91
N ASP F 73 10.72 -2.65 -49.50
CA ASP F 73 12.12 -2.93 -49.91
C ASP F 73 12.48 -4.40 -49.62
N ASP F 74 12.20 -4.87 -48.39
CA ASP F 74 12.54 -6.24 -47.96
C ASP F 74 11.68 -7.26 -48.72
N ALA F 75 10.41 -6.96 -48.99
CA ALA F 75 9.49 -7.82 -49.78
C ALA F 75 9.92 -7.83 -51.25
N LEU F 76 10.33 -6.68 -51.77
CA LEU F 76 10.69 -6.49 -53.20
C LEU F 76 11.95 -7.30 -53.48
N LYS F 77 12.89 -7.32 -52.53
CA LYS F 77 14.17 -8.09 -52.63
C LYS F 77 13.85 -9.58 -52.75
N LEU F 78 12.91 -10.09 -51.94
CA LEU F 78 12.46 -11.50 -51.98
C LEU F 78 11.77 -11.81 -53.31
N ALA F 79 10.93 -10.89 -53.80
CA ALA F 79 10.15 -11.04 -55.05
C ALA F 79 11.11 -11.12 -56.26
N ASN F 80 12.15 -10.28 -56.27
CA ASN F 80 13.20 -10.19 -57.33
C ASN F 80 13.98 -11.51 -57.40
N GLU F 81 14.18 -12.18 -56.25
CA GLU F 81 14.85 -13.51 -56.18
C GLU F 81 13.89 -14.59 -56.70
N GLY F 82 12.59 -14.30 -56.72
CA GLY F 82 11.52 -15.24 -57.14
C GLY F 82 10.97 -16.05 -55.98
N LYS F 83 11.18 -15.58 -54.73
CA LYS F 83 10.69 -16.23 -53.49
C LYS F 83 9.28 -15.70 -53.18
N VAL F 84 8.27 -16.26 -53.86
CA VAL F 84 6.85 -15.82 -53.80
C VAL F 84 6.32 -15.96 -52.36
N LYS F 85 6.49 -17.12 -51.74
CA LYS F 85 5.96 -17.41 -50.38
C LYS F 85 6.62 -16.48 -49.36
N GLU F 86 7.94 -16.30 -49.44
CA GLU F 86 8.70 -15.41 -48.52
C GLU F 86 8.23 -13.96 -48.70
N ALA F 87 8.13 -13.51 -49.96
CA ALA F 87 7.62 -12.17 -50.36
C ALA F 87 6.23 -11.94 -49.78
N GLN F 88 5.30 -12.89 -50.00
CA GLN F 88 3.91 -12.83 -49.49
C GLN F 88 3.92 -12.71 -47.96
N ALA F 89 4.77 -13.47 -47.25
CA ALA F 89 4.90 -13.41 -45.77
C ALA F 89 5.40 -12.02 -45.34
N ALA F 90 6.35 -11.44 -46.07
CA ALA F 90 6.87 -10.09 -45.77
C ALA F 90 5.76 -9.05 -45.99
N ALA F 91 4.97 -9.20 -47.05
CA ALA F 91 3.88 -8.27 -47.43
C ALA F 91 2.71 -8.37 -46.42
N GLU F 92 2.56 -9.49 -45.74
CA GLU F 92 1.58 -9.66 -44.62
C GLU F 92 1.81 -8.55 -43.58
N GLN F 93 3.06 -8.33 -43.19
CA GLN F 93 3.45 -7.36 -42.13
C GLN F 93 3.18 -5.92 -42.61
N LEU F 94 3.11 -5.68 -43.94
CA LEU F 94 2.79 -4.35 -44.55
C LEU F 94 1.43 -3.85 -44.06
N LYS F 95 0.42 -4.71 -44.06
CA LYS F 95 -0.97 -4.33 -43.73
C LYS F 95 -1.06 -3.96 -42.24
N THR F 96 -0.22 -4.55 -41.38
CA THR F 96 -0.12 -4.19 -39.94
C THR F 96 0.32 -2.73 -39.81
N THR F 97 1.29 -2.30 -40.62
CA THR F 97 1.72 -0.87 -40.75
C THR F 97 0.57 -0.05 -41.33
N ARG F 98 -0.03 -0.50 -42.43
CA ARG F 98 -1.19 0.16 -43.11
C ARG F 98 -2.28 0.44 -42.08
N ASN F 99 -2.77 -0.59 -41.39
CA ASN F 99 -3.89 -0.52 -40.42
C ASN F 99 -3.58 0.46 -39.29
N ALA F 100 -2.30 0.64 -38.95
CA ALA F 100 -1.84 1.55 -37.88
C ALA F 100 -1.87 3.02 -38.35
N TYR F 101 -1.94 3.31 -39.66
CA TYR F 101 -1.82 4.70 -40.20
C TYR F 101 -2.87 5.04 -41.27
N ILE F 102 -3.77 4.13 -41.65
CA ILE F 102 -4.78 4.43 -42.73
C ILE F 102 -5.91 5.28 -42.14
N GLN F 103 -6.41 4.94 -40.95
CA GLN F 103 -7.54 5.63 -40.28
C GLN F 103 -7.02 6.54 -39.16
N LYS F 104 -5.73 6.46 -38.82
CA LYS F 104 -5.11 7.28 -37.74
C LYS F 104 -5.34 8.76 -38.02
N TYR F 105 -5.29 9.15 -39.30
CA TYR F 105 -5.71 10.50 -39.80
C TYR F 105 -6.52 10.33 -41.09
#